data_6P2J
#
_entry.id   6P2J
#
_cell.length_a   1.00
_cell.length_b   1.00
_cell.length_c   1.00
_cell.angle_alpha   90.00
_cell.angle_beta   90.00
_cell.angle_gamma   90.00
#
_symmetry.space_group_name_H-M   'P 1'
#
loop_
_entity.id
_entity.type
_entity.pdbx_description
1 polymer 'Sterol O-acyltransferase 1'
2 non-polymer 'S-{(3R,5R,9R)-1-[(2R,3S,4R,5R)-5-(6-amino-9H-purin-9-yl)-4-hydroxy-3-(phosphonooxy)tetrahydrofuran-2-yl]-3,5,9-trihydroxy-8,8-dimethyl-3,5-dioxido-10,14-dioxo-2,4,6-trioxa-11,15-diaza-3lambda~5~,5lambda~5~-diphosphaheptadecan-17-yl} (9Z)-octadec-9-enethioate (non-preferred name)'
#
_entity_poly.entity_id   1
_entity_poly.type   'polypeptide(L)'
_entity_poly.pdbx_seq_one_letter_code
;MADYKDDDDKSGPDEVDASGRMVGEEKMSLRNRLSKSRENPEEDEDQRNPAKESLETPSNGRIDIKQLIAKKIKLTAEAE
ELKPFFMKEVGSHFDDFVTNLIEKSASLDNGGCALTTFSVLEGEKNNHRAKDLRAPPEQGKIFIARRSLLDELLEVDHIR
TIYHMFIALLILFILSTLVVDYIDEGRLVLEFSLLSYAFGKFPTVVWTWWIMFLSTFSVPYFLFQHWATGYSKSSHPLIR
SLFHGFLFMIFQIGVLGFGPTYVVLAYTLPPASRFIIIFEQIRFVMKAHSFVRENVPRVLNSAKEKSSTVPIPTVNQYLY
FLFAPTLIYRDSYPRNPTVRWGYVAMKFAQVFGCFFYVYYIFERLCAPLFRNIKQEPFSARVLVLCVFNSILPGVLILFL
TFFAFLHCWLNAFAEMLRFGDRMFYKDWWNSTSYSNYYRTWNVVVHDWLYYYAYKDFLWFFSKRFKSAAMLAVFAVSAVV
HEYALAVCLSFFYPVLFVLFMFFGMAFNFIVNDSRKKPIWNVLMWTSLFLGNGVLLCFYSQEWYARQHCPLKNPTFLDYV
RPRSWTCRYVFLEGSDEVDAVEGSHHHHHHHHHH
;
_entity_poly.pdbx_strand_id   A,B
#
loop_
_chem_comp.id
_chem_comp.type
_chem_comp.name
_chem_comp.formula
3VV non-polymer 'S-{(3R,5R,9R)-1-[(2R,3S,4R,5R)-5-(6-amino-9H-purin-9-yl)-4-hydroxy-3-(phosphonooxy)tetrahydrofuran-2-yl]-3,5,9-trihydroxy-8,8-dimethyl-3,5-dioxido-10,14-dioxo-2,4,6-trioxa-11,15-diaza-3lambda~5~,5lambda~5~-diphosphaheptadecan-17-yl} (9Z)-octadec-9-enethioate (non-preferred name)' 'C39 H68 N7 O17 P3 S'
#
# COMPACT_ATOMS: atom_id res chain seq x y z
N GLU A 138 -36.64 -0.02 -2.52
CA GLU A 138 -37.65 0.88 -3.17
C GLU A 138 -36.88 1.74 -4.21
N GLN A 139 -37.65 2.36 -5.11
CA GLN A 139 -37.16 3.25 -6.17
C GLN A 139 -37.10 4.69 -5.67
N GLY A 140 -35.90 5.28 -5.65
CA GLY A 140 -35.71 6.65 -5.17
C GLY A 140 -34.29 6.86 -4.65
N LYS A 141 -34.10 8.00 -3.98
CA LYS A 141 -32.82 8.47 -3.47
C LYS A 141 -33.01 9.02 -2.05
N ILE A 142 -32.05 8.70 -1.16
CA ILE A 142 -32.07 8.98 0.26
C ILE A 142 -30.64 9.42 0.70
N PHE A 143 -30.51 9.96 1.93
CA PHE A 143 -29.30 10.59 2.46
C PHE A 143 -28.73 9.85 3.70
N ILE A 144 -28.76 8.51 3.71
CA ILE A 144 -28.29 7.70 4.84
C ILE A 144 -26.76 7.77 5.00
N ALA A 145 -26.02 7.26 3.99
CA ALA A 145 -24.56 7.32 3.91
C ALA A 145 -24.07 8.77 3.86
N ARG A 146 -22.90 9.03 4.45
CA ARG A 146 -22.35 10.38 4.63
C ARG A 146 -20.82 10.39 4.59
N ARG A 147 -20.31 11.62 4.36
CA ARG A 147 -18.94 12.15 4.53
C ARG A 147 -17.82 11.54 3.66
N SER A 148 -18.05 10.33 3.09
CA SER A 148 -17.23 9.52 2.17
C SER A 148 -16.95 8.14 2.76
N LEU A 149 -16.71 7.18 1.85
CA LEU A 149 -16.22 5.85 2.18
C LEU A 149 -14.70 5.84 2.45
N LEU A 150 -13.91 6.77 1.86
CA LEU A 150 -12.47 6.92 2.18
C LEU A 150 -12.25 7.52 3.58
N ASP A 151 -12.90 8.65 3.89
CA ASP A 151 -12.77 9.38 5.16
C ASP A 151 -13.13 8.52 6.39
N GLU A 152 -14.11 7.61 6.20
CA GLU A 152 -14.49 6.56 7.15
C GLU A 152 -13.33 5.64 7.58
N LEU A 153 -12.48 5.24 6.62
CA LEU A 153 -11.38 4.30 6.82
C LEU A 153 -10.06 4.99 7.22
N LEU A 154 -9.77 6.16 6.64
CA LEU A 154 -8.47 6.85 6.78
C LEU A 154 -8.26 7.57 8.13
N GLU A 155 -9.01 7.18 9.16
CA GLU A 155 -8.76 7.52 10.56
C GLU A 155 -8.79 6.29 11.50
N VAL A 156 -9.05 5.08 10.94
CA VAL A 156 -8.78 3.79 11.58
C VAL A 156 -7.25 3.55 11.55
N ASP A 157 -6.64 3.35 12.73
CA ASP A 157 -5.18 3.41 12.98
C ASP A 157 -4.28 2.74 11.93
N HIS A 158 -4.48 1.43 11.66
CA HIS A 158 -3.65 0.68 10.72
C HIS A 158 -3.76 1.18 9.27
N ILE A 159 -5.00 1.41 8.80
CA ILE A 159 -5.29 1.93 7.46
C ILE A 159 -4.87 3.39 7.26
N ARG A 160 -5.00 4.24 8.31
CA ARG A 160 -4.53 5.61 8.35
C ARG A 160 -3.00 5.68 8.19
N THR A 161 -2.27 4.81 8.91
CA THR A 161 -0.81 4.78 8.86
C THR A 161 -0.26 4.17 7.56
N ILE A 162 -0.98 3.21 6.93
CA ILE A 162 -0.75 2.76 5.55
C ILE A 162 -0.93 3.90 4.53
N TYR A 163 -1.94 4.75 4.75
CA TYR A 163 -2.23 5.94 3.94
C TYR A 163 -1.17 7.04 4.07
N HIS A 164 -0.61 7.24 5.28
CA HIS A 164 0.46 8.22 5.53
C HIS A 164 1.83 7.73 5.03
N MET A 165 2.06 6.40 5.09
CA MET A 165 3.18 5.74 4.41
C MET A 165 3.05 5.85 2.88
N PHE A 166 1.83 5.71 2.34
CA PHE A 166 1.55 5.86 0.91
C PHE A 166 1.84 7.29 0.40
N ILE A 167 1.39 8.32 1.13
CA ILE A 167 1.72 9.73 0.87
C ILE A 167 3.23 10.01 1.01
N ALA A 168 3.89 9.41 2.01
CA ALA A 168 5.34 9.51 2.22
C ALA A 168 6.17 8.90 1.08
N LEU A 169 5.71 7.76 0.54
CA LEU A 169 6.28 7.10 -0.64
C LEU A 169 6.08 7.92 -1.93
N LEU A 170 4.91 8.59 -2.07
CA LEU A 170 4.62 9.47 -3.19
C LEU A 170 5.53 10.71 -3.21
N ILE A 171 5.64 11.44 -2.08
CA ILE A 171 6.46 12.65 -2.02
C ILE A 171 7.97 12.36 -2.10
N LEU A 172 8.44 11.22 -1.54
CA LEU A 172 9.82 10.76 -1.73
C LEU A 172 10.11 10.28 -3.15
N PHE A 173 9.11 9.74 -3.87
CA PHE A 173 9.21 9.42 -5.29
C PHE A 173 9.39 10.67 -6.18
N ILE A 174 8.69 11.77 -5.83
CA ILE A 174 8.84 13.06 -6.52
C ILE A 174 10.19 13.72 -6.21
N LEU A 175 10.58 13.81 -4.92
CA LEU A 175 11.85 14.38 -4.49
C LEU A 175 13.07 13.62 -5.00
N SER A 176 12.99 12.27 -5.08
CA SER A 176 13.99 11.42 -5.72
C SER A 176 14.15 11.74 -7.22
N THR A 177 13.06 11.65 -8.00
CA THR A 177 13.03 11.95 -9.44
C THR A 177 13.52 13.38 -9.77
N LEU A 178 13.12 14.36 -8.94
CA LEU A 178 13.48 15.77 -9.04
C LEU A 178 14.98 16.00 -8.87
N VAL A 179 15.54 15.60 -7.71
CA VAL A 179 16.93 15.94 -7.33
C VAL A 179 17.98 14.91 -7.82
N VAL A 180 17.55 13.78 -8.38
CA VAL A 180 18.43 12.78 -9.02
C VAL A 180 18.51 13.02 -10.54
N ASP A 181 17.52 13.70 -11.15
CA ASP A 181 17.58 14.19 -12.53
C ASP A 181 17.90 15.69 -12.61
N TYR A 182 18.01 16.40 -11.47
CA TYR A 182 18.61 17.74 -11.41
C TYR A 182 20.14 17.64 -11.30
N ILE A 183 20.67 16.89 -10.32
CA ILE A 183 22.12 16.81 -10.11
C ILE A 183 22.86 16.12 -11.27
N ASP A 184 22.16 15.23 -12.00
CA ASP A 184 22.70 14.46 -13.12
C ASP A 184 22.70 15.26 -14.45
N GLU A 185 21.63 16.02 -14.75
CA GLU A 185 21.48 16.76 -16.01
C GLU A 185 21.67 18.28 -15.87
N GLY A 186 21.37 18.85 -14.70
CA GLY A 186 21.52 20.29 -14.40
C GLY A 186 20.29 21.12 -14.82
N ARG A 187 19.32 20.54 -15.54
CA ARG A 187 18.19 21.28 -16.10
C ARG A 187 17.07 21.56 -15.08
N LEU A 188 16.62 20.52 -14.34
CA LEU A 188 15.35 20.51 -13.58
C LEU A 188 14.19 20.87 -14.53
N VAL A 189 14.02 20.02 -15.56
CA VAL A 189 13.23 20.31 -16.77
C VAL A 189 11.78 20.71 -16.43
N LEU A 190 11.04 19.81 -15.75
CA LEU A 190 9.62 19.94 -15.37
C LEU A 190 8.78 20.43 -16.55
N GLU A 191 8.71 19.59 -17.60
CA GLU A 191 8.22 19.98 -18.91
C GLU A 191 6.70 20.24 -18.84
N PHE A 192 6.29 21.48 -19.17
CA PHE A 192 4.89 21.89 -19.25
C PHE A 192 4.35 21.86 -20.70
N SER A 193 4.95 20.99 -21.54
CA SER A 193 4.63 20.85 -22.97
C SER A 193 3.25 20.24 -23.23
N LEU A 194 2.93 19.13 -22.54
CA LEU A 194 1.75 18.30 -22.79
C LEU A 194 0.42 19.04 -22.56
N LEU A 195 0.22 19.63 -21.36
CA LEU A 195 -1.02 20.31 -20.99
C LEU A 195 -1.30 21.61 -21.76
N SER A 196 -0.23 22.33 -22.17
CA SER A 196 -0.33 23.57 -22.96
C SER A 196 -0.92 23.34 -24.35
N TYR A 197 -0.57 22.19 -24.97
CA TYR A 197 -1.17 21.70 -26.21
C TYR A 197 -2.58 21.10 -25.99
N ALA A 198 -2.73 20.24 -24.97
CA ALA A 198 -3.92 19.44 -24.73
C ALA A 198 -5.19 20.27 -24.45
N PHE A 199 -5.05 21.31 -23.62
CA PHE A 199 -6.10 22.29 -23.35
C PHE A 199 -6.33 23.28 -24.51
N GLY A 200 -5.30 23.49 -25.35
CA GLY A 200 -5.17 24.37 -26.52
C GLY A 200 -6.13 25.56 -26.51
N LYS A 201 -7.20 25.49 -27.33
CA LYS A 201 -8.26 26.50 -27.40
C LYS A 201 -9.14 26.42 -26.13
N PHE A 202 -8.75 27.16 -25.08
CA PHE A 202 -9.47 27.16 -23.81
C PHE A 202 -10.59 28.23 -23.70
N PRO A 203 -10.43 29.45 -24.29
CA PRO A 203 -11.53 30.43 -24.34
C PRO A 203 -12.79 30.00 -25.13
N THR A 204 -12.64 29.16 -26.17
CA THR A 204 -13.78 28.63 -26.92
C THR A 204 -14.56 27.57 -26.13
N VAL A 205 -13.87 26.76 -25.29
CA VAL A 205 -14.56 25.78 -24.42
C VAL A 205 -15.22 26.44 -23.21
N VAL A 206 -14.66 27.56 -22.71
CA VAL A 206 -15.29 28.40 -21.68
C VAL A 206 -16.57 29.07 -22.21
N TRP A 207 -16.49 29.71 -23.39
CA TRP A 207 -17.61 30.31 -24.09
C TRP A 207 -18.76 29.34 -24.40
N THR A 208 -18.45 28.18 -25.01
CA THR A 208 -19.47 27.19 -25.35
C THR A 208 -20.01 26.43 -24.12
N TRP A 209 -19.23 26.34 -23.03
CA TRP A 209 -19.73 25.86 -21.74
C TRP A 209 -20.72 26.83 -21.11
N TRP A 210 -20.45 28.15 -21.20
CA TRP A 210 -21.34 29.21 -20.72
C TRP A 210 -22.70 29.24 -21.43
N ILE A 211 -22.71 29.19 -22.77
CA ILE A 211 -23.96 29.16 -23.54
C ILE A 211 -24.72 27.82 -23.40
N MET A 212 -23.99 26.71 -23.18
CA MET A 212 -24.55 25.38 -22.90
C MET A 212 -25.18 25.29 -21.50
N PHE A 213 -24.53 25.90 -20.50
CA PHE A 213 -25.05 26.09 -19.14
C PHE A 213 -26.31 26.95 -19.12
N LEU A 214 -26.26 28.13 -19.78
CA LEU A 214 -27.38 29.07 -19.89
C LEU A 214 -28.57 28.50 -20.66
N SER A 215 -28.31 27.69 -21.69
CA SER A 215 -29.31 26.89 -22.40
C SER A 215 -29.99 25.91 -21.43
N THR A 216 -29.22 24.97 -20.85
CA THR A 216 -29.72 23.95 -19.93
C THR A 216 -30.41 24.50 -18.65
N PHE A 217 -30.03 25.71 -18.22
CA PHE A 217 -30.64 26.45 -17.12
C PHE A 217 -31.99 27.12 -17.48
N SER A 218 -32.10 27.68 -18.69
CA SER A 218 -33.27 28.47 -19.08
C SER A 218 -34.31 27.64 -19.87
N VAL A 219 -33.92 27.04 -21.01
CA VAL A 219 -34.90 26.48 -21.95
C VAL A 219 -35.61 25.18 -21.52
N PRO A 220 -35.00 24.22 -20.79
CA PRO A 220 -35.75 23.09 -20.20
C PRO A 220 -36.73 23.51 -19.10
N TYR A 221 -36.29 24.46 -18.26
CA TYR A 221 -37.06 25.03 -17.16
C TYR A 221 -38.33 25.75 -17.63
N PHE A 222 -38.17 26.75 -18.52
CA PHE A 222 -39.27 27.55 -19.05
C PHE A 222 -40.19 26.82 -20.06
N LEU A 223 -39.63 25.85 -20.81
CA LEU A 223 -40.41 25.00 -21.72
C LEU A 223 -41.33 24.05 -20.94
N PHE A 224 -40.80 23.41 -19.88
CA PHE A 224 -41.57 22.54 -18.98
C PHE A 224 -42.60 23.31 -18.13
N GLN A 225 -42.27 24.56 -17.74
CA GLN A 225 -43.16 25.49 -17.03
C GLN A 225 -44.42 25.83 -17.85
N HIS A 226 -44.23 26.19 -19.14
CA HIS A 226 -45.31 26.42 -20.11
C HIS A 226 -46.20 25.18 -20.32
N TRP A 227 -45.57 23.99 -20.40
CA TRP A 227 -46.25 22.71 -20.60
C TRP A 227 -47.24 22.36 -19.48
N ALA A 228 -46.71 22.17 -18.26
CA ALA A 228 -47.44 21.63 -17.10
C ALA A 228 -48.65 22.48 -16.70
N THR A 229 -48.49 23.81 -16.75
CA THR A 229 -49.50 24.82 -16.39
C THR A 229 -50.79 24.75 -17.24
N GLY A 230 -50.66 24.36 -18.52
CA GLY A 230 -51.75 24.36 -19.49
C GLY A 230 -52.06 22.95 -20.02
N TYR A 231 -51.69 21.86 -19.31
CA TYR A 231 -51.84 20.47 -19.76
C TYR A 231 -53.26 20.08 -20.20
N SER A 232 -54.17 19.91 -19.23
CA SER A 232 -55.49 19.32 -19.43
C SER A 232 -56.65 20.33 -19.31
N LYS A 233 -56.36 21.63 -19.52
CA LYS A 233 -57.36 22.68 -19.75
C LYS A 233 -58.15 22.44 -21.06
N SER A 234 -57.44 21.88 -22.06
CA SER A 234 -57.95 21.38 -23.32
C SER A 234 -56.98 20.28 -23.81
N SER A 235 -57.13 19.86 -25.08
CA SER A 235 -56.36 18.81 -25.75
C SER A 235 -56.54 17.44 -25.05
N HIS A 236 -57.76 16.90 -25.19
CA HIS A 236 -58.10 15.53 -24.79
C HIS A 236 -57.32 14.41 -25.53
N PRO A 237 -56.95 14.55 -26.82
CA PRO A 237 -55.91 13.69 -27.40
C PRO A 237 -54.49 14.14 -26.98
N LEU A 238 -53.51 13.27 -27.20
CA LEU A 238 -52.10 13.50 -26.86
C LEU A 238 -51.40 14.56 -27.74
N ILE A 239 -52.10 15.22 -28.67
CA ILE A 239 -51.60 16.21 -29.63
C ILE A 239 -50.71 17.32 -29.03
N ARG A 240 -51.15 17.95 -27.92
CA ARG A 240 -50.41 18.98 -27.19
C ARG A 240 -49.07 18.46 -26.64
N SER A 241 -49.10 17.27 -26.00
CA SER A 241 -47.93 16.61 -25.43
C SER A 241 -46.94 16.12 -26.50
N LEU A 242 -47.45 15.51 -27.58
CA LEU A 242 -46.69 14.98 -28.71
C LEU A 242 -45.92 16.09 -29.45
N PHE A 243 -46.59 17.22 -29.72
CA PHE A 243 -45.98 18.44 -30.26
C PHE A 243 -44.90 19.05 -29.35
N HIS A 244 -45.22 19.21 -28.06
CA HIS A 244 -44.35 19.83 -27.08
C HIS A 244 -43.10 18.98 -26.76
N GLY A 245 -43.30 17.67 -26.58
CA GLY A 245 -42.26 16.69 -26.31
C GLY A 245 -41.38 16.47 -27.55
N PHE A 246 -41.95 16.65 -28.76
CA PHE A 246 -41.19 16.69 -30.02
C PHE A 246 -40.28 17.92 -30.10
N LEU A 247 -40.79 19.10 -29.70
CA LEU A 247 -40.02 20.35 -29.58
C LEU A 247 -38.87 20.24 -28.56
N PHE A 248 -39.11 19.56 -27.42
CA PHE A 248 -38.11 19.25 -26.41
C PHE A 248 -37.01 18.30 -26.94
N MET A 249 -37.41 17.28 -27.69
CA MET A 249 -36.48 16.31 -28.24
C MET A 249 -35.56 16.97 -29.25
N ILE A 250 -36.16 17.55 -30.28
CA ILE A 250 -35.35 18.22 -31.32
C ILE A 250 -34.45 19.34 -30.74
N PHE A 251 -34.83 19.92 -29.58
CA PHE A 251 -33.92 20.73 -28.77
C PHE A 251 -32.72 19.92 -28.25
N GLN A 252 -33.00 18.79 -27.58
CA GLN A 252 -31.96 17.99 -26.92
C GLN A 252 -30.99 17.33 -27.90
N ILE A 253 -31.50 16.81 -29.03
CA ILE A 253 -30.70 16.19 -30.09
C ILE A 253 -30.03 17.23 -31.00
N GLY A 254 -30.71 18.36 -31.27
CA GLY A 254 -30.21 19.43 -32.13
C GLY A 254 -29.27 20.33 -31.34
N VAL A 255 -29.81 21.22 -30.51
CA VAL A 255 -29.05 22.23 -29.76
C VAL A 255 -28.01 21.62 -28.80
N LEU A 256 -28.42 20.66 -27.95
CA LEU A 256 -27.55 20.08 -26.92
C LEU A 256 -26.78 18.84 -27.40
N GLY A 257 -27.16 18.26 -28.56
CA GLY A 257 -26.48 17.10 -29.13
C GLY A 257 -25.47 17.60 -30.17
N PHE A 258 -25.95 18.30 -31.21
CA PHE A 258 -25.13 18.83 -32.30
C PHE A 258 -24.36 20.12 -31.95
N GLY A 259 -24.88 21.00 -31.09
CA GLY A 259 -24.22 22.28 -30.78
C GLY A 259 -22.81 22.08 -30.18
N PRO A 260 -22.65 21.26 -29.11
CA PRO A 260 -21.32 20.84 -28.60
C PRO A 260 -20.48 20.01 -29.58
N THR A 261 -21.11 19.10 -30.36
CA THR A 261 -20.40 18.22 -31.30
C THR A 261 -19.91 18.96 -32.56
N TYR A 262 -20.63 20.00 -33.00
CA TYR A 262 -20.30 20.81 -34.16
C TYR A 262 -19.20 21.81 -33.83
N VAL A 263 -19.28 22.50 -32.67
CA VAL A 263 -18.26 23.45 -32.23
C VAL A 263 -16.92 22.75 -31.87
N VAL A 264 -16.97 21.47 -31.44
CA VAL A 264 -15.79 20.68 -31.08
C VAL A 264 -15.10 20.03 -32.31
N LEU A 265 -15.85 19.72 -33.38
CA LEU A 265 -15.33 19.12 -34.61
C LEU A 265 -14.98 20.15 -35.70
N ALA A 266 -15.72 21.27 -35.78
CA ALA A 266 -15.51 22.33 -36.77
C ALA A 266 -14.16 23.05 -36.59
N TYR A 267 -13.84 23.39 -35.33
CA TYR A 267 -12.56 23.99 -34.94
C TYR A 267 -11.47 22.93 -34.69
N THR A 268 -11.83 21.63 -34.75
CA THR A 268 -10.97 20.46 -34.57
C THR A 268 -10.19 20.54 -33.24
N LEU A 269 -10.94 20.60 -32.12
CA LEU A 269 -10.45 20.83 -30.76
C LEU A 269 -9.45 19.72 -30.34
N PRO A 270 -8.39 20.09 -29.58
CA PRO A 270 -7.47 19.10 -29.01
C PRO A 270 -8.18 18.26 -27.90
N PRO A 271 -7.75 16.98 -27.74
CA PRO A 271 -8.52 15.96 -27.01
C PRO A 271 -8.89 16.23 -25.54
N ALA A 272 -8.10 16.99 -24.76
CA ALA A 272 -8.43 17.28 -23.37
C ALA A 272 -9.52 18.36 -23.21
N SER A 273 -9.48 19.40 -24.04
CA SER A 273 -10.48 20.46 -24.06
C SER A 273 -11.79 20.00 -24.74
N ARG A 274 -11.64 19.16 -25.79
CA ARG A 274 -12.69 18.38 -26.43
C ARG A 274 -13.37 17.39 -25.48
N PHE A 275 -12.59 16.74 -24.60
CA PHE A 275 -13.08 15.86 -23.55
C PHE A 275 -13.99 16.60 -22.55
N ILE A 276 -13.57 17.79 -22.11
CA ILE A 276 -14.36 18.66 -21.23
C ILE A 276 -15.73 19.03 -21.83
N ILE A 277 -15.77 19.35 -23.14
CA ILE A 277 -17.02 19.67 -23.85
C ILE A 277 -17.95 18.48 -24.05
N ILE A 278 -17.41 17.30 -24.39
CA ILE A 278 -18.17 16.05 -24.53
C ILE A 278 -18.66 15.50 -23.18
N PHE A 279 -17.82 15.61 -22.13
CA PHE A 279 -18.13 15.26 -20.75
C PHE A 279 -19.30 16.10 -20.17
N GLU A 280 -19.17 17.43 -20.30
CA GLU A 280 -20.17 18.41 -19.86
C GLU A 280 -21.45 18.39 -20.72
N GLN A 281 -21.34 18.03 -22.00
CA GLN A 281 -22.48 17.75 -22.88
C GLN A 281 -23.35 16.61 -22.35
N ILE A 282 -22.74 15.42 -22.16
CA ILE A 282 -23.47 14.23 -21.68
C ILE A 282 -23.99 14.43 -20.24
N ARG A 283 -23.27 15.21 -19.42
CA ARG A 283 -23.74 15.65 -18.10
C ARG A 283 -25.04 16.46 -18.18
N PHE A 284 -25.06 17.50 -19.03
CA PHE A 284 -26.23 18.37 -19.22
C PHE A 284 -27.40 17.70 -19.94
N VAL A 285 -27.12 16.73 -20.82
CA VAL A 285 -28.13 15.84 -21.44
C VAL A 285 -28.79 14.93 -20.40
N MET A 286 -28.01 14.34 -19.49
CA MET A 286 -28.49 13.53 -18.36
C MET A 286 -29.31 14.34 -17.35
N LYS A 287 -28.85 15.56 -17.02
CA LYS A 287 -29.58 16.48 -16.12
C LYS A 287 -30.89 17.01 -16.73
N ALA A 288 -30.89 17.34 -18.03
CA ALA A 288 -32.08 17.74 -18.78
C ALA A 288 -33.12 16.62 -18.90
N HIS A 289 -32.63 15.38 -19.16
CA HIS A 289 -33.45 14.17 -19.18
C HIS A 289 -34.07 13.87 -17.81
N SER A 290 -33.27 13.91 -16.73
CA SER A 290 -33.72 13.66 -15.35
C SER A 290 -34.72 14.70 -14.82
N PHE A 291 -34.54 15.98 -15.21
CA PHE A 291 -35.40 17.09 -14.82
C PHE A 291 -36.78 17.03 -15.48
N VAL A 292 -36.88 16.42 -16.67
CA VAL A 292 -38.14 16.18 -17.35
C VAL A 292 -38.70 14.77 -17.04
N ARG A 293 -37.86 13.81 -16.59
CA ARG A 293 -38.26 12.46 -16.20
C ARG A 293 -38.84 12.37 -14.79
N GLU A 294 -38.43 13.26 -13.88
CA GLU A 294 -38.91 13.31 -12.50
C GLU A 294 -40.26 14.03 -12.38
N ASN A 295 -40.53 14.99 -13.28
CA ASN A 295 -41.70 15.88 -13.21
C ASN A 295 -42.82 15.49 -14.20
N VAL A 296 -42.52 14.77 -15.31
CA VAL A 296 -43.55 14.37 -16.28
C VAL A 296 -44.56 13.29 -15.83
N PRO A 297 -44.20 12.29 -14.98
CA PRO A 297 -45.19 11.30 -14.48
C PRO A 297 -46.15 11.88 -13.42
N ARG A 298 -45.66 12.88 -12.66
CA ARG A 298 -46.39 13.54 -11.59
C ARG A 298 -47.57 14.39 -12.08
N VAL A 299 -47.40 15.13 -13.19
CA VAL A 299 -48.45 16.00 -13.73
C VAL A 299 -49.58 15.25 -14.45
N LEU A 300 -49.28 14.08 -15.05
CA LEU A 300 -50.21 13.33 -15.90
C LEU A 300 -51.05 12.28 -15.16
N ASN A 301 -50.66 11.88 -13.93
CA ASN A 301 -51.39 10.88 -13.13
C ASN A 301 -52.77 11.35 -12.60
N SER A 302 -53.06 12.66 -12.76
CA SER A 302 -54.29 13.34 -12.34
C SER A 302 -55.40 12.90 -13.28
N SER A 308 -53.05 18.57 -7.08
CA SER A 308 -53.61 18.83 -8.42
C SER A 308 -52.50 18.51 -9.45
N THR A 309 -52.04 19.52 -10.20
CA THR A 309 -50.93 19.43 -11.15
C THR A 309 -49.74 20.16 -10.51
N VAL A 310 -48.79 19.37 -9.99
CA VAL A 310 -47.58 19.89 -9.34
C VAL A 310 -46.69 20.63 -10.36
N PRO A 311 -46.45 21.95 -10.15
CA PRO A 311 -45.71 22.77 -11.12
C PRO A 311 -44.20 22.49 -11.09
N ILE A 312 -43.47 23.19 -11.98
CA ILE A 312 -42.02 23.28 -11.95
C ILE A 312 -41.51 23.92 -10.64
N PRO A 313 -40.31 23.52 -10.17
CA PRO A 313 -39.68 24.09 -8.96
C PRO A 313 -39.25 25.56 -9.14
N THR A 314 -38.82 26.19 -8.04
CA THR A 314 -38.23 27.53 -8.06
C THR A 314 -36.87 27.54 -8.79
N VAL A 315 -36.58 28.62 -9.52
CA VAL A 315 -35.33 28.86 -10.26
C VAL A 315 -34.07 28.86 -9.35
N ASN A 316 -34.24 29.32 -8.11
CA ASN A 316 -33.26 29.31 -7.02
C ASN A 316 -32.85 27.88 -6.58
N GLN A 317 -33.72 26.89 -6.80
CA GLN A 317 -33.45 25.48 -6.52
C GLN A 317 -33.03 24.71 -7.79
N TYR A 318 -33.41 25.18 -8.99
CA TYR A 318 -32.95 24.57 -10.25
C TYR A 318 -31.47 24.90 -10.53
N LEU A 319 -31.04 26.13 -10.21
CA LEU A 319 -29.64 26.55 -10.17
C LEU A 319 -28.78 25.62 -9.32
N TYR A 320 -29.25 25.37 -8.09
CA TYR A 320 -28.62 24.46 -7.13
C TYR A 320 -28.41 23.04 -7.69
N PHE A 321 -29.46 22.47 -8.33
CA PHE A 321 -29.40 21.15 -8.96
C PHE A 321 -28.37 21.03 -10.09
N LEU A 322 -28.21 22.07 -10.92
CA LEU A 322 -27.23 22.09 -12.02
C LEU A 322 -25.75 22.15 -11.56
N PHE A 323 -25.50 22.40 -10.26
CA PHE A 323 -24.18 22.29 -9.63
C PHE A 323 -24.09 21.15 -8.59
N ALA A 324 -25.21 20.50 -8.26
CA ALA A 324 -25.32 19.46 -7.24
C ALA A 324 -24.54 18.18 -7.61
N PRO A 325 -23.74 17.61 -6.67
CA PRO A 325 -23.09 16.29 -6.78
C PRO A 325 -23.98 15.03 -7.00
N THR A 326 -24.77 15.02 -8.08
CA THR A 326 -25.73 13.97 -8.43
C THR A 326 -26.19 14.17 -9.89
N LEU A 327 -26.95 13.18 -10.43
CA LEU A 327 -27.64 13.26 -11.72
C LEU A 327 -29.14 12.95 -11.62
N ILE A 328 -29.64 12.61 -10.42
CA ILE A 328 -31.05 12.32 -10.19
C ILE A 328 -31.67 13.59 -9.58
N TYR A 329 -32.71 14.11 -10.21
CA TYR A 329 -33.33 15.35 -9.74
C TYR A 329 -34.25 15.27 -8.53
N ARG A 330 -33.85 16.00 -7.49
CA ARG A 330 -34.65 16.16 -6.28
C ARG A 330 -34.70 17.65 -5.95
N ASP A 331 -35.76 18.06 -5.23
CA ASP A 331 -35.85 19.36 -4.56
C ASP A 331 -35.47 19.22 -3.07
N SER A 332 -35.32 17.97 -2.59
CA SER A 332 -34.99 17.60 -1.22
C SER A 332 -33.47 17.35 -1.09
N TYR A 333 -32.74 18.34 -0.56
CA TYR A 333 -31.30 18.25 -0.29
C TYR A 333 -31.03 18.84 1.10
N PRO A 334 -30.68 17.98 2.10
CA PRO A 334 -30.51 18.42 3.48
C PRO A 334 -29.26 19.28 3.68
N ARG A 335 -29.47 20.48 4.23
CA ARG A 335 -28.40 21.39 4.62
C ARG A 335 -27.65 20.84 5.85
N ASN A 336 -26.37 20.49 5.63
CA ASN A 336 -25.35 20.35 6.67
C ASN A 336 -25.16 21.70 7.42
N PRO A 337 -24.68 21.71 8.69
CA PRO A 337 -24.70 22.93 9.51
C PRO A 337 -24.02 24.19 8.90
N THR A 338 -22.81 24.04 8.36
CA THR A 338 -21.99 25.18 7.90
C THR A 338 -21.01 24.73 6.80
N VAL A 339 -20.67 25.66 5.89
CA VAL A 339 -19.58 25.55 4.91
C VAL A 339 -18.26 25.83 5.65
N ARG A 340 -17.38 24.82 5.73
CA ARG A 340 -16.02 24.94 6.27
C ARG A 340 -15.10 25.47 5.16
N TRP A 341 -14.77 26.77 5.21
CA TRP A 341 -13.88 27.44 4.27
C TRP A 341 -12.44 26.89 4.25
N GLY A 342 -11.94 26.45 5.42
CA GLY A 342 -10.63 25.83 5.55
C GLY A 342 -10.61 24.40 4.97
N TYR A 343 -11.74 23.68 5.03
CA TYR A 343 -11.91 22.33 4.47
C TYR A 343 -11.93 22.34 2.94
N VAL A 344 -12.70 23.26 2.31
CA VAL A 344 -12.80 23.36 0.85
C VAL A 344 -11.53 23.95 0.22
N ALA A 345 -10.80 24.80 0.96
CA ALA A 345 -9.46 25.26 0.60
C ALA A 345 -8.44 24.10 0.59
N MET A 346 -8.53 23.20 1.59
CA MET A 346 -7.71 22.00 1.70
C MET A 346 -8.05 20.95 0.63
N LYS A 347 -9.35 20.74 0.34
CA LYS A 347 -9.83 19.81 -0.69
C LYS A 347 -9.55 20.26 -2.12
N PHE A 348 -9.54 21.58 -2.38
CA PHE A 348 -9.10 22.15 -3.65
C PHE A 348 -7.58 22.15 -3.82
N ALA A 349 -6.82 22.27 -2.71
CA ALA A 349 -5.38 22.03 -2.70
C ALA A 349 -5.03 20.55 -2.99
N GLN A 350 -5.88 19.61 -2.52
CA GLN A 350 -5.77 18.18 -2.78
C GLN A 350 -6.05 17.80 -4.24
N VAL A 351 -7.14 18.31 -4.85
CA VAL A 351 -7.50 17.96 -6.23
C VAL A 351 -6.53 18.53 -7.28
N PHE A 352 -6.03 19.76 -7.04
CA PHE A 352 -4.99 20.37 -7.89
C PHE A 352 -3.60 19.75 -7.65
N GLY A 353 -3.34 19.28 -6.41
CA GLY A 353 -2.15 18.52 -6.04
C GLY A 353 -2.15 17.18 -6.76
N CYS A 354 -3.27 16.44 -6.72
CA CYS A 354 -3.47 15.14 -7.39
C CYS A 354 -3.46 15.27 -8.92
N PHE A 355 -4.02 16.35 -9.48
CA PHE A 355 -3.98 16.64 -10.92
C PHE A 355 -2.54 16.86 -11.43
N PHE A 356 -1.78 17.73 -10.74
CA PHE A 356 -0.37 18.00 -11.07
C PHE A 356 0.56 16.80 -10.80
N TYR A 357 0.17 15.92 -9.89
CA TYR A 357 0.96 14.72 -9.60
C TYR A 357 0.75 13.73 -10.74
N VAL A 358 -0.49 13.55 -11.15
CA VAL A 358 -0.83 12.65 -12.25
C VAL A 358 -0.09 13.16 -13.47
N TYR A 359 -0.24 14.45 -13.74
CA TYR A 359 0.42 15.06 -14.90
C TYR A 359 1.94 14.89 -14.90
N TYR A 360 2.55 15.03 -13.73
CA TYR A 360 4.00 14.91 -13.59
C TYR A 360 4.49 13.47 -13.87
N ILE A 361 3.79 12.46 -13.33
CA ILE A 361 4.05 11.05 -13.64
C ILE A 361 3.75 10.70 -15.11
N PHE A 362 2.70 11.29 -15.69
CA PHE A 362 2.37 11.10 -17.10
C PHE A 362 3.46 11.65 -18.04
N GLU A 363 3.93 12.88 -17.77
CA GLU A 363 5.04 13.53 -18.48
C GLU A 363 6.37 12.77 -18.35
N ARG A 364 6.62 12.17 -17.17
CA ARG A 364 7.92 11.59 -16.85
C ARG A 364 8.05 10.10 -17.22
N LEU A 365 6.93 9.34 -17.22
CA LEU A 365 6.95 7.87 -17.41
C LEU A 365 6.14 7.39 -18.62
N CYS A 366 5.00 8.04 -18.94
CA CYS A 366 4.12 7.63 -20.04
C CYS A 366 4.39 8.41 -21.33
N ALA A 367 4.98 9.63 -21.25
CA ALA A 367 5.31 10.44 -22.41
C ALA A 367 6.51 9.93 -23.22
N PRO A 368 7.62 9.44 -22.60
CA PRO A 368 8.74 8.80 -23.33
C PRO A 368 8.36 7.49 -24.05
N LEU A 369 7.44 6.71 -23.45
CA LEU A 369 6.75 5.59 -24.10
C LEU A 369 5.96 6.07 -25.34
N PHE A 370 5.23 7.18 -25.21
CA PHE A 370 4.50 7.80 -26.31
C PHE A 370 5.36 8.38 -27.43
N ARG A 371 6.63 8.73 -27.16
CA ARG A 371 7.62 9.10 -28.18
C ARG A 371 8.16 7.88 -28.95
N ASN A 372 8.38 6.74 -28.26
CA ASN A 372 8.99 5.54 -28.85
C ASN A 372 7.97 4.56 -29.47
N ILE A 373 6.68 4.65 -29.09
CA ILE A 373 5.59 4.09 -29.90
C ILE A 373 5.20 5.06 -31.05
N LYS A 374 5.72 6.30 -31.04
CA LYS A 374 5.54 7.28 -32.11
C LYS A 374 6.50 7.10 -33.29
N GLN A 375 7.78 6.80 -33.03
CA GLN A 375 8.82 6.70 -34.06
C GLN A 375 8.67 5.49 -34.98
N GLU A 376 8.46 4.29 -34.39
CA GLU A 376 8.35 3.03 -35.13
C GLU A 376 7.09 2.30 -34.60
N PRO A 377 5.90 2.68 -35.14
CA PRO A 377 4.62 2.32 -34.52
C PRO A 377 3.97 1.02 -35.04
N PHE A 378 4.30 0.62 -36.28
CA PHE A 378 3.47 -0.25 -37.12
C PHE A 378 3.24 -1.67 -36.58
N SER A 379 4.28 -2.51 -36.61
CA SER A 379 4.17 -3.94 -36.35
C SER A 379 5.37 -4.47 -35.56
N ALA A 380 6.01 -3.58 -34.76
CA ALA A 380 7.09 -3.90 -33.84
C ALA A 380 6.66 -4.93 -32.78
N ARG A 381 7.52 -5.91 -32.50
CA ARG A 381 7.36 -6.83 -31.37
C ARG A 381 8.01 -6.25 -30.08
N VAL A 382 8.49 -5.00 -30.14
CA VAL A 382 8.94 -4.21 -28.99
C VAL A 382 7.89 -3.17 -28.53
N LEU A 383 6.63 -3.29 -29.02
CA LEU A 383 5.46 -2.78 -28.30
C LEU A 383 5.23 -3.56 -26.99
N VAL A 384 5.70 -4.82 -26.95
CA VAL A 384 5.80 -5.69 -25.79
C VAL A 384 6.70 -5.09 -24.69
N LEU A 385 7.77 -4.36 -25.07
CA LEU A 385 8.66 -3.69 -24.14
C LEU A 385 7.92 -2.69 -23.23
N CYS A 386 7.08 -1.83 -23.82
CA CYS A 386 6.36 -0.78 -23.08
C CYS A 386 4.98 -1.21 -22.54
N VAL A 387 4.35 -2.27 -23.08
CA VAL A 387 3.15 -2.87 -22.47
C VAL A 387 3.48 -3.63 -21.16
N PHE A 388 4.76 -4.03 -21.02
CA PHE A 388 5.39 -4.52 -19.79
C PHE A 388 6.27 -3.42 -19.12
N ASN A 389 5.92 -2.13 -19.30
CA ASN A 389 6.62 -1.01 -18.63
C ASN A 389 5.66 0.14 -18.25
N SER A 390 4.40 0.09 -18.70
CA SER A 390 3.37 1.09 -18.42
C SER A 390 2.34 0.61 -17.38
N ILE A 391 2.49 -0.63 -16.87
CA ILE A 391 1.53 -1.26 -15.98
C ILE A 391 1.46 -0.56 -14.60
N LEU A 392 2.61 -0.30 -13.96
CA LEU A 392 2.66 0.34 -12.64
C LEU A 392 2.29 1.85 -12.63
N PRO A 393 2.76 2.66 -13.61
CA PRO A 393 2.20 4.02 -13.83
C PRO A 393 0.71 4.03 -14.19
N GLY A 394 0.23 3.02 -14.95
CA GLY A 394 -1.17 2.85 -15.32
C GLY A 394 -2.06 2.61 -14.08
N VAL A 395 -1.59 1.79 -13.12
CA VAL A 395 -2.24 1.56 -11.83
C VAL A 395 -2.28 2.82 -10.95
N LEU A 396 -1.18 3.59 -10.91
CA LEU A 396 -1.08 4.80 -10.10
C LEU A 396 -1.91 5.98 -10.64
N ILE A 397 -1.98 6.11 -11.98
CA ILE A 397 -2.84 7.07 -12.67
C ILE A 397 -4.33 6.74 -12.48
N LEU A 398 -4.71 5.45 -12.55
CA LEU A 398 -6.06 4.96 -12.26
C LEU A 398 -6.53 5.34 -10.84
N PHE A 399 -5.65 5.10 -9.85
CA PHE A 399 -5.91 5.32 -8.43
C PHE A 399 -5.99 6.80 -8.04
N LEU A 400 -5.07 7.63 -8.55
CA LEU A 400 -5.04 9.07 -8.29
C LEU A 400 -6.11 9.84 -9.08
N THR A 401 -6.50 9.38 -10.28
CA THR A 401 -7.62 9.95 -11.05
C THR A 401 -8.97 9.65 -10.36
N PHE A 402 -9.15 8.42 -9.87
CA PHE A 402 -10.25 8.03 -9.01
C PHE A 402 -10.35 8.90 -7.74
N PHE A 403 -9.26 8.95 -6.96
CA PHE A 403 -9.20 9.72 -5.72
C PHE A 403 -9.42 11.24 -5.91
N ALA A 404 -8.83 11.83 -6.96
CA ALA A 404 -9.01 13.23 -7.31
C ALA A 404 -10.48 13.57 -7.65
N PHE A 405 -11.02 12.93 -8.69
CA PHE A 405 -12.32 13.27 -9.25
C PHE A 405 -13.53 12.71 -8.49
N LEU A 406 -13.47 11.46 -7.99
CA LEU A 406 -14.60 10.85 -7.27
C LEU A 406 -14.68 11.25 -5.80
N HIS A 407 -13.57 11.67 -5.18
CA HIS A 407 -13.51 12.03 -3.77
C HIS A 407 -13.24 13.54 -3.60
N CYS A 408 -12.01 14.02 -3.86
CA CYS A 408 -11.58 15.41 -3.55
C CYS A 408 -12.45 16.50 -4.21
N TRP A 409 -12.73 16.36 -5.51
CA TRP A 409 -13.56 17.26 -6.30
C TRP A 409 -15.00 17.33 -5.80
N LEU A 410 -15.66 16.16 -5.68
CA LEU A 410 -17.07 16.07 -5.29
C LEU A 410 -17.32 16.43 -3.82
N ASN A 411 -16.38 16.15 -2.90
CA ASN A 411 -16.47 16.59 -1.50
C ASN A 411 -16.24 18.10 -1.32
N ALA A 412 -15.38 18.72 -2.15
CA ALA A 412 -15.17 20.17 -2.16
C ALA A 412 -16.44 20.91 -2.59
N PHE A 413 -17.03 20.48 -3.73
CA PHE A 413 -18.30 20.97 -4.24
C PHE A 413 -19.51 20.69 -3.34
N ALA A 414 -19.56 19.49 -2.74
CA ALA A 414 -20.59 19.09 -1.78
C ALA A 414 -20.53 19.84 -0.45
N GLU A 415 -19.35 20.32 -0.04
CA GLU A 415 -19.19 21.14 1.15
C GLU A 415 -19.60 22.59 0.91
N MET A 416 -19.27 23.15 -0.27
CA MET A 416 -19.72 24.48 -0.71
C MET A 416 -21.25 24.59 -0.85
N LEU A 417 -21.91 23.50 -1.28
CA LEU A 417 -23.37 23.44 -1.46
C LEU A 417 -24.08 22.80 -0.26
N ARG A 418 -23.37 22.06 0.61
CA ARG A 418 -23.90 21.28 1.74
C ARG A 418 -24.91 20.22 1.27
N PHE A 419 -24.48 19.36 0.32
CA PHE A 419 -25.33 18.35 -0.34
C PHE A 419 -25.81 17.24 0.61
N GLY A 420 -24.89 16.70 1.40
CA GLY A 420 -25.17 15.84 2.53
C GLY A 420 -24.97 14.35 2.25
N ASP A 421 -25.22 13.84 1.03
CA ASP A 421 -25.13 12.39 0.74
C ASP A 421 -23.68 11.89 0.73
N ARG A 422 -22.85 12.38 -0.20
CA ARG A 422 -21.41 12.08 -0.25
C ARG A 422 -21.04 10.57 -0.32
N MET A 423 -21.91 9.78 -0.96
CA MET A 423 -21.72 8.35 -1.20
C MET A 423 -21.19 8.13 -2.64
N PHE A 424 -20.28 9.00 -3.08
CA PHE A 424 -19.87 9.21 -4.48
C PHE A 424 -19.29 8.01 -5.24
N TYR A 425 -18.94 6.94 -4.50
CA TYR A 425 -18.36 5.71 -4.98
C TYR A 425 -18.61 4.63 -3.91
N LYS A 426 -18.64 3.37 -4.36
CA LYS A 426 -18.64 2.21 -3.48
C LYS A 426 -17.22 1.61 -3.42
N ASP A 427 -17.05 0.62 -2.53
CA ASP A 427 -15.82 -0.18 -2.37
C ASP A 427 -15.68 -1.18 -3.53
N TRP A 428 -15.42 -0.66 -4.72
CA TRP A 428 -15.32 -1.47 -5.93
C TRP A 428 -14.39 -2.67 -5.82
N TRP A 429 -13.22 -2.46 -5.23
CA TRP A 429 -12.21 -3.51 -5.11
C TRP A 429 -12.76 -4.84 -4.55
N ASN A 430 -13.80 -4.77 -3.69
CA ASN A 430 -14.51 -5.92 -3.12
C ASN A 430 -15.63 -6.46 -4.04
N SER A 431 -15.94 -5.81 -5.17
CA SER A 431 -16.94 -6.24 -6.15
C SER A 431 -16.60 -7.62 -6.77
N THR A 432 -17.63 -8.43 -7.03
CA THR A 432 -17.46 -9.83 -7.42
C THR A 432 -18.19 -10.21 -8.73
N SER A 433 -19.35 -9.59 -9.04
CA SER A 433 -20.17 -9.91 -10.22
C SER A 433 -21.16 -8.79 -10.54
N TYR A 434 -21.67 -8.78 -11.79
CA TYR A 434 -22.63 -7.80 -12.30
C TYR A 434 -24.04 -7.91 -11.72
N SER A 435 -24.57 -9.14 -11.63
CA SER A 435 -25.97 -9.38 -11.25
C SER A 435 -26.18 -9.29 -9.74
N ASN A 436 -26.97 -8.28 -9.30
CA ASN A 436 -27.35 -7.95 -7.92
C ASN A 436 -26.23 -7.44 -7.00
N TYR A 437 -24.99 -7.95 -7.12
CA TYR A 437 -23.90 -7.71 -6.17
C TYR A 437 -22.76 -6.88 -6.76
N TYR A 438 -23.05 -6.09 -7.82
CA TYR A 438 -22.10 -5.14 -8.36
C TYR A 438 -21.97 -3.91 -7.43
N ARG A 439 -20.71 -3.52 -7.18
CA ARG A 439 -20.37 -2.35 -6.39
C ARG A 439 -19.64 -1.38 -7.32
N THR A 440 -20.39 -0.46 -7.95
CA THR A 440 -19.83 0.48 -8.93
C THR A 440 -18.86 1.48 -8.28
N TRP A 441 -17.72 1.72 -8.94
CA TRP A 441 -16.72 2.72 -8.56
C TRP A 441 -17.17 4.17 -8.80
N ASN A 442 -18.28 4.37 -9.54
CA ASN A 442 -18.87 5.65 -9.85
C ASN A 442 -20.37 5.52 -9.57
N VAL A 443 -20.83 6.03 -8.41
CA VAL A 443 -22.21 5.85 -7.95
C VAL A 443 -23.23 6.56 -8.87
N VAL A 444 -22.95 7.82 -9.22
CA VAL A 444 -23.89 8.73 -9.88
C VAL A 444 -24.29 8.31 -11.31
N VAL A 445 -23.33 7.71 -12.05
CA VAL A 445 -23.54 7.21 -13.41
C VAL A 445 -24.38 5.93 -13.41
N HIS A 446 -24.05 4.99 -12.50
CA HIS A 446 -24.79 3.73 -12.32
C HIS A 446 -26.23 3.95 -11.84
N ASP A 447 -26.43 4.90 -10.90
CA ASP A 447 -27.76 5.31 -10.43
C ASP A 447 -28.65 5.83 -11.56
N TRP A 448 -28.10 6.75 -12.39
CA TRP A 448 -28.81 7.28 -13.56
C TRP A 448 -29.09 6.19 -14.61
N LEU A 449 -28.07 5.37 -14.94
CA LEU A 449 -28.15 4.29 -15.93
C LEU A 449 -29.18 3.22 -15.56
N TYR A 450 -29.17 2.72 -14.31
CA TYR A 450 -30.16 1.77 -13.84
C TYR A 450 -31.58 2.37 -13.84
N TYR A 451 -31.75 3.54 -13.20
CA TYR A 451 -33.06 4.10 -12.90
C TYR A 451 -33.83 4.61 -14.12
N TYR A 452 -33.13 5.14 -15.13
CA TYR A 452 -33.74 5.80 -16.28
C TYR A 452 -33.51 5.07 -17.63
N ALA A 453 -32.65 4.04 -17.67
CA ALA A 453 -32.51 3.19 -18.87
C ALA A 453 -33.20 1.85 -18.61
N TYR A 454 -32.65 1.07 -17.69
CA TYR A 454 -33.13 -0.27 -17.36
C TYR A 454 -34.60 -0.43 -17.00
N LYS A 455 -35.04 0.35 -16.01
CA LYS A 455 -36.41 0.27 -15.49
C LYS A 455 -37.48 0.47 -16.58
N ASP A 456 -37.25 1.48 -17.44
CA ASP A 456 -38.10 1.84 -18.58
C ASP A 456 -37.89 0.92 -19.80
N PHE A 457 -36.76 0.17 -19.86
CA PHE A 457 -36.50 -0.85 -20.87
C PHE A 457 -37.22 -2.16 -20.57
N LEU A 458 -37.11 -2.65 -19.32
CA LEU A 458 -37.85 -3.80 -18.81
C LEU A 458 -39.38 -3.57 -18.84
N TRP A 459 -39.81 -2.31 -18.75
CA TRP A 459 -41.20 -1.88 -18.87
C TRP A 459 -41.78 -2.18 -20.28
N PHE A 460 -41.15 -1.61 -21.32
CA PHE A 460 -41.64 -1.71 -22.70
C PHE A 460 -41.30 -2.99 -23.45
N PHE A 461 -40.10 -3.56 -23.23
CA PHE A 461 -39.57 -4.69 -24.02
C PHE A 461 -40.42 -5.96 -23.88
N SER A 462 -40.48 -6.50 -22.65
CA SER A 462 -41.24 -7.69 -22.29
C SER A 462 -41.17 -7.91 -20.77
N LYS A 463 -41.98 -8.86 -20.30
CA LYS A 463 -42.19 -9.14 -18.88
C LYS A 463 -41.11 -10.05 -18.25
N ARG A 464 -40.53 -10.98 -19.04
CA ARG A 464 -39.59 -11.98 -18.51
C ARG A 464 -38.26 -12.07 -19.27
N PHE A 465 -38.06 -11.30 -20.36
CA PHE A 465 -36.75 -11.28 -21.05
C PHE A 465 -35.91 -10.18 -20.38
N LYS A 466 -35.56 -10.43 -19.11
CA LYS A 466 -34.70 -9.61 -18.28
C LYS A 466 -33.23 -9.62 -18.79
N SER A 467 -32.85 -10.72 -19.46
CA SER A 467 -31.62 -10.85 -20.24
C SER A 467 -31.58 -9.94 -21.49
N ALA A 468 -32.74 -9.73 -22.15
CA ALA A 468 -32.89 -8.79 -23.27
C ALA A 468 -32.80 -7.32 -22.81
N ALA A 469 -33.29 -7.03 -21.59
CA ALA A 469 -33.23 -5.71 -20.99
C ALA A 469 -31.85 -5.34 -20.43
N MET A 470 -31.09 -6.31 -19.87
CA MET A 470 -29.72 -6.09 -19.39
C MET A 470 -28.71 -5.92 -20.55
N LEU A 471 -28.88 -6.68 -21.65
CA LEU A 471 -28.08 -6.51 -22.86
C LEU A 471 -28.41 -5.23 -23.64
N ALA A 472 -29.63 -4.69 -23.45
CA ALA A 472 -30.04 -3.38 -23.97
C ALA A 472 -29.44 -2.21 -23.19
N VAL A 473 -29.25 -2.37 -21.86
CA VAL A 473 -28.50 -1.43 -21.02
C VAL A 473 -27.00 -1.46 -21.35
N PHE A 474 -26.44 -2.66 -21.63
CA PHE A 474 -25.09 -2.82 -22.18
C PHE A 474 -24.91 -2.20 -23.57
N ALA A 475 -25.95 -2.25 -24.42
CA ALA A 475 -25.96 -1.65 -25.76
C ALA A 475 -26.02 -0.11 -25.72
N VAL A 476 -26.83 0.44 -24.81
CA VAL A 476 -26.92 1.89 -24.53
C VAL A 476 -25.62 2.43 -23.92
N SER A 477 -25.03 1.67 -22.97
CA SER A 477 -23.73 1.97 -22.38
C SER A 477 -22.62 1.87 -23.44
N ALA A 478 -22.56 0.79 -24.22
CA ALA A 478 -21.60 0.62 -25.31
C ALA A 478 -21.62 1.73 -26.38
N VAL A 479 -22.82 2.13 -26.85
CA VAL A 479 -22.96 3.14 -27.90
C VAL A 479 -22.63 4.58 -27.43
N VAL A 480 -22.98 4.94 -26.18
CA VAL A 480 -22.64 6.26 -25.62
C VAL A 480 -21.14 6.35 -25.23
N HIS A 481 -20.54 5.24 -24.81
CA HIS A 481 -19.13 5.21 -24.45
C HIS A 481 -18.26 5.25 -25.71
N GLU A 482 -18.56 4.37 -26.66
CA GLU A 482 -17.83 4.34 -27.94
C GLU A 482 -17.94 5.68 -28.67
N TYR A 483 -19.12 6.33 -28.64
CA TYR A 483 -19.34 7.67 -29.17
C TYR A 483 -18.46 8.71 -28.48
N ALA A 484 -18.51 8.74 -27.12
CA ALA A 484 -17.78 9.67 -26.27
C ALA A 484 -16.26 9.60 -26.49
N LEU A 485 -15.68 8.40 -26.38
CA LEU A 485 -14.24 8.18 -26.62
C LEU A 485 -13.83 8.35 -28.10
N ALA A 486 -14.73 8.06 -29.06
CA ALA A 486 -14.43 8.17 -30.49
C ALA A 486 -14.38 9.61 -30.99
N VAL A 487 -15.42 10.40 -30.68
CA VAL A 487 -15.48 11.83 -31.00
C VAL A 487 -14.50 12.66 -30.14
N CYS A 488 -14.03 12.10 -29.01
CA CYS A 488 -12.99 12.66 -28.13
C CYS A 488 -11.57 12.43 -28.68
N LEU A 489 -11.27 11.23 -29.20
CA LEU A 489 -9.93 10.84 -29.64
C LEU A 489 -9.78 10.83 -31.17
N SER A 490 -10.80 11.33 -31.90
CA SER A 490 -10.84 11.47 -33.36
C SER A 490 -10.60 10.12 -34.08
N PHE A 491 -11.37 9.10 -33.69
CA PHE A 491 -11.09 7.70 -34.02
C PHE A 491 -12.30 6.81 -33.75
N PHE A 492 -12.82 6.16 -34.80
CA PHE A 492 -13.86 5.15 -34.65
C PHE A 492 -13.22 3.76 -34.45
N TYR A 493 -13.46 3.18 -33.26
CA TYR A 493 -12.98 1.84 -32.89
C TYR A 493 -13.90 1.29 -31.79
N PRO A 494 -14.98 0.60 -32.19
CA PRO A 494 -16.10 0.27 -31.28
C PRO A 494 -15.84 -0.86 -30.28
N VAL A 495 -14.74 -1.62 -30.49
CA VAL A 495 -14.44 -2.87 -29.79
C VAL A 495 -13.97 -2.71 -28.33
N LEU A 496 -13.54 -1.50 -27.92
CA LEU A 496 -12.89 -1.25 -26.64
C LEU A 496 -13.79 -1.57 -25.42
N PHE A 497 -15.01 -1.03 -25.41
CA PHE A 497 -15.99 -1.22 -24.33
C PHE A 497 -16.49 -2.67 -24.21
N VAL A 498 -16.77 -3.33 -25.34
CA VAL A 498 -17.32 -4.68 -25.36
C VAL A 498 -16.28 -5.75 -24.96
N LEU A 499 -14.99 -5.51 -25.25
CA LEU A 499 -13.87 -6.34 -24.77
C LEU A 499 -13.51 -6.06 -23.30
N PHE A 500 -13.76 -4.84 -22.80
CA PHE A 500 -13.74 -4.51 -21.37
C PHE A 500 -14.77 -5.30 -20.56
N MET A 501 -15.98 -5.45 -21.12
CA MET A 501 -17.08 -6.21 -20.52
C MET A 501 -16.90 -7.74 -20.62
N PHE A 502 -16.18 -8.23 -21.64
CA PHE A 502 -15.75 -9.63 -21.75
C PHE A 502 -14.64 -9.99 -20.75
N PHE A 503 -13.73 -9.03 -20.49
CA PHE A 503 -12.69 -9.13 -19.47
C PHE A 503 -13.27 -9.07 -18.05
N GLY A 504 -14.30 -8.22 -17.85
CA GLY A 504 -15.05 -8.13 -16.62
C GLY A 504 -15.84 -9.43 -16.38
N MET A 505 -16.44 -10.04 -17.43
CA MET A 505 -17.07 -11.36 -17.38
C MET A 505 -16.09 -12.45 -16.90
N ALA A 506 -14.86 -12.45 -17.45
CA ALA A 506 -13.79 -13.37 -17.07
C ALA A 506 -13.35 -13.23 -15.60
N PHE A 507 -13.07 -11.99 -15.16
CA PHE A 507 -12.65 -11.65 -13.79
C PHE A 507 -13.73 -11.99 -12.75
N ASN A 508 -14.98 -11.60 -13.05
CA ASN A 508 -16.14 -11.90 -12.23
C ASN A 508 -16.38 -13.40 -12.12
N PHE A 509 -16.34 -14.14 -13.25
CA PHE A 509 -16.46 -15.60 -13.29
C PHE A 509 -15.43 -16.35 -12.43
N ILE A 510 -14.14 -15.97 -12.51
CA ILE A 510 -13.06 -16.65 -11.79
C ILE A 510 -13.07 -16.47 -10.25
N VAL A 511 -13.87 -15.51 -9.73
CA VAL A 511 -14.00 -15.24 -8.28
C VAL A 511 -15.49 -15.36 -7.79
N ASN A 512 -16.47 -15.64 -8.67
CA ASN A 512 -17.89 -15.78 -8.31
C ASN A 512 -18.36 -17.25 -8.20
N ASP A 513 -17.47 -18.24 -8.40
CA ASP A 513 -17.76 -19.67 -8.14
C ASP A 513 -17.48 -20.06 -6.67
N SER A 514 -17.75 -19.13 -5.73
CA SER A 514 -17.48 -19.22 -4.29
C SER A 514 -15.98 -19.41 -3.96
N ARG A 515 -15.10 -18.86 -4.82
CA ARG A 515 -13.66 -18.98 -4.74
C ARG A 515 -13.07 -17.74 -4.04
N LYS A 516 -13.00 -17.80 -2.70
CA LYS A 516 -12.34 -16.80 -1.85
C LYS A 516 -10.81 -16.93 -1.86
N LYS A 517 -10.28 -18.13 -2.20
CA LYS A 517 -8.87 -18.53 -2.19
C LYS A 517 -7.96 -17.43 -2.77
N PRO A 518 -7.06 -16.85 -1.94
CA PRO A 518 -6.17 -15.74 -2.36
C PRO A 518 -5.34 -15.92 -3.65
N ILE A 519 -5.08 -17.17 -4.08
CA ILE A 519 -4.48 -17.48 -5.39
C ILE A 519 -5.31 -16.94 -6.58
N TRP A 520 -6.64 -17.16 -6.56
CA TRP A 520 -7.56 -16.64 -7.58
C TRP A 520 -7.77 -15.13 -7.53
N ASN A 521 -7.69 -14.53 -6.33
CA ASN A 521 -7.85 -13.09 -6.14
C ASN A 521 -6.59 -12.31 -6.58
N VAL A 522 -5.40 -12.84 -6.26
CA VAL A 522 -4.11 -12.35 -6.76
C VAL A 522 -4.00 -12.48 -8.28
N LEU A 523 -4.46 -13.63 -8.83
CA LEU A 523 -4.54 -13.91 -10.27
C LEU A 523 -5.49 -12.96 -11.01
N MET A 524 -6.64 -12.62 -10.37
CA MET A 524 -7.61 -11.65 -10.88
C MET A 524 -7.02 -10.24 -10.98
N TRP A 525 -6.34 -9.78 -9.91
CA TRP A 525 -5.69 -8.47 -9.87
C TRP A 525 -4.56 -8.27 -10.88
N THR A 526 -3.65 -9.27 -11.00
CA THR A 526 -2.55 -9.22 -11.96
C THR A 526 -3.04 -9.27 -13.42
N SER A 527 -4.06 -10.10 -13.71
CA SER A 527 -4.69 -10.21 -15.02
C SER A 527 -5.54 -8.97 -15.39
N LEU A 528 -6.11 -8.28 -14.39
CA LEU A 528 -6.84 -7.03 -14.55
C LEU A 528 -5.93 -5.87 -14.94
N PHE A 529 -4.79 -5.71 -14.22
CA PHE A 529 -3.79 -4.69 -14.48
C PHE A 529 -3.05 -4.90 -15.81
N LEU A 530 -2.66 -6.15 -16.10
CA LEU A 530 -1.98 -6.55 -17.34
C LEU A 530 -2.92 -6.47 -18.55
N GLY A 531 -4.18 -6.92 -18.38
CA GLY A 531 -5.20 -6.96 -19.42
C GLY A 531 -5.67 -5.56 -19.82
N ASN A 532 -5.84 -4.64 -18.84
CA ASN A 532 -6.19 -3.24 -19.11
C ASN A 532 -5.06 -2.48 -19.82
N GLY A 533 -3.79 -2.79 -19.48
CA GLY A 533 -2.60 -2.18 -20.06
C GLY A 533 -2.39 -2.65 -21.51
N VAL A 534 -2.69 -3.95 -21.78
CA VAL A 534 -2.65 -4.56 -23.11
C VAL A 534 -3.65 -3.92 -24.09
N LEU A 535 -4.94 -3.87 -23.72
CA LEU A 535 -5.97 -3.28 -24.57
C LEU A 535 -5.86 -1.75 -24.71
N LEU A 536 -5.31 -1.06 -23.69
CA LEU A 536 -5.06 0.38 -23.71
C LEU A 536 -3.97 0.77 -24.71
N CYS A 537 -2.82 0.07 -24.66
CA CYS A 537 -1.69 0.31 -25.58
C CYS A 537 -1.93 -0.27 -26.99
N PHE A 538 -2.78 -1.30 -27.13
CA PHE A 538 -3.27 -1.77 -28.43
C PHE A 538 -4.24 -0.79 -29.10
N TYR A 539 -5.08 -0.12 -28.29
CA TYR A 539 -5.95 0.98 -28.74
C TYR A 539 -5.12 2.20 -29.20
N SER A 540 -4.12 2.58 -28.39
CA SER A 540 -3.17 3.65 -28.67
C SER A 540 -2.32 3.37 -29.92
N GLN A 541 -1.88 2.12 -30.10
CA GLN A 541 -1.14 1.65 -31.28
C GLN A 541 -2.00 1.71 -32.55
N GLU A 542 -3.22 1.15 -32.50
CA GLU A 542 -4.13 1.12 -33.65
C GLU A 542 -4.56 2.51 -34.11
N TRP A 543 -4.80 3.42 -33.15
CA TRP A 543 -4.98 4.84 -33.42
C TRP A 543 -3.76 5.48 -34.10
N TYR A 544 -2.60 5.36 -33.43
CA TYR A 544 -1.32 5.97 -33.80
C TYR A 544 -0.49 5.41 -34.96
N ALA A 545 -0.85 4.23 -35.44
CA ALA A 545 -0.09 3.57 -36.50
C ALA A 545 -0.98 3.35 -37.73
N ARG A 546 -1.79 2.28 -37.69
CA ARG A 546 -2.55 1.76 -38.83
C ARG A 546 -3.74 2.64 -39.24
N GLN A 547 -4.20 3.52 -38.34
CA GLN A 547 -5.26 4.50 -38.59
C GLN A 547 -4.71 5.92 -38.84
N HIS A 548 -3.38 6.10 -38.75
CA HIS A 548 -2.67 7.31 -39.16
C HIS A 548 -2.17 7.16 -40.60
N CYS A 549 -1.38 6.11 -40.86
CA CYS A 549 -1.01 5.65 -42.20
C CYS A 549 -2.28 5.09 -42.89
N PRO A 550 -2.51 5.43 -44.18
CA PRO A 550 -3.79 5.40 -44.92
C PRO A 550 -5.05 4.84 -44.30
N GLN B 139 5.66 -8.12 37.33
CA GLN B 139 7.01 -8.76 37.17
C GLN B 139 6.74 -10.17 36.60
N GLY B 140 7.66 -10.63 35.73
CA GLY B 140 7.59 -11.90 35.00
C GLY B 140 6.69 -11.77 33.77
N LYS B 141 7.09 -12.40 32.66
CA LYS B 141 6.30 -12.50 31.44
C LYS B 141 5.62 -13.87 31.41
N ILE B 142 4.30 -13.84 31.19
CA ILE B 142 3.46 -15.01 30.96
C ILE B 142 2.69 -14.76 29.67
N PHE B 143 2.60 -15.81 28.85
CA PHE B 143 2.01 -15.81 27.50
C PHE B 143 0.47 -15.84 27.59
N ILE B 144 -0.20 -15.16 26.64
CA ILE B 144 -1.67 -15.19 26.48
C ILE B 144 -2.06 -15.05 24.99
N ALA B 145 -1.47 -14.08 24.28
CA ALA B 145 -1.79 -13.71 22.89
C ALA B 145 -1.53 -14.81 21.85
N ARG B 146 -1.95 -14.57 20.60
CA ARG B 146 -1.96 -15.53 19.49
C ARG B 146 -2.01 -14.77 18.15
N ARG B 147 -1.72 -15.51 17.07
CA ARG B 147 -1.92 -15.16 15.65
C ARG B 147 -1.29 -13.81 15.23
N SER B 148 -0.04 -13.59 15.67
CA SER B 148 0.84 -12.45 15.42
C SER B 148 0.12 -11.09 15.49
N LEU B 149 0.08 -10.36 14.37
CA LEU B 149 -0.86 -9.27 14.13
C LEU B 149 -1.36 -9.31 12.68
N LEU B 150 -0.53 -9.80 11.74
CA LEU B 150 -0.84 -9.81 10.32
C LEU B 150 -1.93 -10.82 9.92
N ASP B 151 -2.06 -11.96 10.62
CA ASP B 151 -3.13 -12.95 10.37
C ASP B 151 -4.52 -12.33 10.63
N GLU B 152 -4.69 -11.65 11.78
CA GLU B 152 -5.96 -11.01 12.17
C GLU B 152 -6.36 -9.82 11.29
N LEU B 153 -5.41 -8.92 10.97
CA LEU B 153 -5.70 -7.66 10.26
C LEU B 153 -5.67 -7.79 8.72
N LEU B 154 -4.91 -8.75 8.15
CA LEU B 154 -4.92 -9.04 6.69
C LEU B 154 -6.14 -9.88 6.24
N GLU B 155 -7.14 -10.07 7.11
CA GLU B 155 -8.45 -10.63 6.75
C GLU B 155 -9.61 -9.68 7.10
N VAL B 156 -9.31 -8.48 7.65
CA VAL B 156 -10.20 -7.32 7.60
C VAL B 156 -10.25 -6.84 6.14
N ASP B 157 -11.44 -6.91 5.53
CA ASP B 157 -11.67 -7.03 4.08
C ASP B 157 -10.95 -5.99 3.20
N HIS B 158 -10.93 -4.71 3.62
CA HIS B 158 -10.23 -3.63 2.91
C HIS B 158 -8.70 -3.82 2.87
N ILE B 159 -8.13 -4.19 4.03
CA ILE B 159 -6.70 -4.48 4.19
C ILE B 159 -6.27 -5.78 3.49
N ARG B 160 -7.17 -6.78 3.44
CA ARG B 160 -7.01 -8.04 2.72
C ARG B 160 -6.85 -7.83 1.21
N THR B 161 -7.68 -6.95 0.63
CA THR B 161 -7.62 -6.64 -0.79
C THR B 161 -6.47 -5.68 -1.15
N ILE B 162 -6.07 -4.78 -0.22
CA ILE B 162 -4.82 -4.01 -0.30
C ILE B 162 -3.57 -4.93 -0.34
N TYR B 163 -3.60 -6.02 0.45
CA TYR B 163 -2.57 -7.05 0.50
C TYR B 163 -2.49 -7.87 -0.80
N HIS B 164 -3.64 -8.19 -1.42
CA HIS B 164 -3.71 -8.88 -2.71
C HIS B 164 -3.33 -8.01 -3.91
N MET B 165 -3.64 -6.70 -3.85
CA MET B 165 -3.13 -5.70 -4.79
C MET B 165 -1.61 -5.56 -4.70
N PHE B 166 -1.07 -5.58 -3.46
CA PHE B 166 0.37 -5.49 -3.21
C PHE B 166 1.13 -6.71 -3.76
N ILE B 167 0.63 -7.93 -3.52
CA ILE B 167 1.16 -9.17 -4.10
C ILE B 167 1.06 -9.20 -5.64
N ALA B 168 -0.09 -8.75 -6.20
CA ALA B 168 -0.33 -8.63 -7.64
C ALA B 168 0.59 -7.61 -8.34
N LEU B 169 0.98 -6.55 -7.61
CA LEU B 169 1.98 -5.57 -8.06
C LEU B 169 3.42 -6.12 -7.94
N LEU B 170 3.72 -6.96 -6.94
CA LEU B 170 5.04 -7.60 -6.80
C LEU B 170 5.31 -8.62 -7.91
N ILE B 171 4.35 -9.53 -8.19
CA ILE B 171 4.45 -10.51 -9.27
C ILE B 171 4.54 -9.86 -10.66
N LEU B 172 3.77 -8.77 -10.90
CA LEU B 172 3.87 -7.98 -12.13
C LEU B 172 5.20 -7.26 -12.26
N PHE B 173 5.72 -6.69 -11.15
CA PHE B 173 6.98 -5.97 -11.12
C PHE B 173 8.17 -6.82 -11.59
N ILE B 174 8.33 -8.03 -11.01
CA ILE B 174 9.40 -8.95 -11.38
C ILE B 174 9.18 -9.66 -12.74
N LEU B 175 7.93 -9.95 -13.13
CA LEU B 175 7.58 -10.50 -14.44
C LEU B 175 7.90 -9.51 -15.57
N SER B 176 7.44 -8.26 -15.39
CA SER B 176 7.60 -7.17 -16.34
C SER B 176 9.06 -6.74 -16.52
N THR B 177 9.83 -6.63 -15.41
CA THR B 177 11.24 -6.23 -15.47
C THR B 177 12.17 -7.37 -15.96
N LEU B 178 11.71 -8.64 -15.87
CA LEU B 178 12.34 -9.82 -16.46
C LEU B 178 12.20 -9.81 -17.99
N VAL B 179 10.97 -9.63 -18.49
CA VAL B 179 10.67 -9.62 -19.93
C VAL B 179 11.07 -8.29 -20.63
N VAL B 180 11.36 -7.23 -19.86
CA VAL B 180 11.92 -5.97 -20.36
C VAL B 180 13.43 -6.09 -20.67
N ASP B 181 14.21 -6.77 -19.80
CA ASP B 181 15.65 -7.00 -20.00
C ASP B 181 15.99 -8.29 -20.76
N TYR B 182 15.03 -9.20 -20.95
CA TYR B 182 15.11 -10.27 -21.96
C TYR B 182 15.09 -9.70 -23.39
N ILE B 183 14.41 -8.56 -23.58
CA ILE B 183 14.27 -7.89 -24.87
C ILE B 183 15.30 -6.76 -25.04
N ASP B 184 15.83 -6.20 -23.94
CA ASP B 184 16.81 -5.11 -23.95
C ASP B 184 18.27 -5.62 -24.03
N GLU B 185 18.59 -6.70 -23.29
CA GLU B 185 19.98 -7.16 -23.09
C GLU B 185 20.25 -8.53 -23.74
N GLY B 186 19.29 -9.48 -23.69
CA GLY B 186 19.47 -10.82 -24.25
C GLY B 186 18.91 -11.84 -23.25
N ARG B 187 19.79 -12.51 -22.49
CA ARG B 187 19.41 -13.51 -21.49
C ARG B 187 18.78 -12.90 -20.22
N LEU B 188 18.39 -13.77 -19.30
CA LEU B 188 17.86 -13.34 -18.02
C LEU B 188 19.06 -12.75 -17.29
N VAL B 189 18.86 -11.59 -16.69
CA VAL B 189 19.87 -10.81 -15.98
C VAL B 189 20.13 -11.26 -14.52
N LEU B 190 19.25 -12.11 -13.95
CA LEU B 190 19.43 -12.72 -12.64
C LEU B 190 20.13 -14.09 -12.79
N GLU B 191 21.34 -14.20 -12.21
CA GLU B 191 22.20 -15.38 -12.32
C GLU B 191 22.84 -15.83 -10.99
N PHE B 192 22.49 -15.15 -9.88
CA PHE B 192 22.81 -15.52 -8.49
C PHE B 192 24.33 -15.47 -8.18
N SER B 193 25.00 -14.41 -8.68
CA SER B 193 26.44 -14.21 -8.52
C SER B 193 26.87 -13.90 -7.08
N LEU B 194 26.34 -12.81 -6.50
CA LEU B 194 26.72 -12.31 -5.18
C LEU B 194 26.23 -13.18 -4.00
N LEU B 195 25.22 -14.04 -4.24
CA LEU B 195 24.70 -15.04 -3.31
C LEU B 195 25.74 -16.09 -2.90
N SER B 196 26.50 -16.59 -3.88
CA SER B 196 27.56 -17.58 -3.67
C SER B 196 28.76 -17.02 -2.87
N TYR B 197 29.07 -15.72 -3.08
CA TYR B 197 30.04 -14.99 -2.27
C TYR B 197 29.56 -14.78 -0.82
N ALA B 198 28.26 -14.46 -0.65
CA ALA B 198 27.64 -14.20 0.65
C ALA B 198 27.66 -15.41 1.59
N PHE B 199 27.17 -16.57 1.12
CA PHE B 199 27.17 -17.81 1.89
C PHE B 199 28.56 -18.45 2.03
N GLY B 200 29.29 -18.63 0.90
CA GLY B 200 30.65 -19.16 0.81
C GLY B 200 30.92 -20.41 1.66
N LYS B 201 31.56 -20.23 2.83
CA LYS B 201 32.03 -21.26 3.79
C LYS B 201 30.89 -22.01 4.52
N PHE B 202 29.90 -22.56 3.79
CA PHE B 202 28.70 -23.14 4.39
C PHE B 202 28.91 -24.49 5.13
N PRO B 203 29.79 -25.40 4.66
CA PRO B 203 30.19 -26.59 5.46
C PRO B 203 30.94 -26.28 6.76
N THR B 204 31.63 -25.13 6.83
CA THR B 204 32.22 -24.64 8.08
C THR B 204 31.14 -24.24 9.09
N VAL B 205 30.12 -23.49 8.64
CA VAL B 205 29.06 -22.99 9.52
C VAL B 205 28.08 -24.09 9.98
N VAL B 206 27.92 -25.16 9.19
CA VAL B 206 27.09 -26.30 9.60
C VAL B 206 27.76 -27.08 10.75
N TRP B 207 29.08 -27.35 10.68
CA TRP B 207 29.78 -28.03 11.77
C TRP B 207 29.88 -27.18 13.03
N THR B 208 30.14 -25.86 12.93
CA THR B 208 30.23 -25.01 14.11
C THR B 208 28.86 -24.72 14.75
N TRP B 209 27.77 -24.78 13.96
CA TRP B 209 26.41 -24.75 14.48
C TRP B 209 26.09 -26.01 15.30
N TRP B 210 26.52 -27.19 14.80
CA TRP B 210 26.43 -28.46 15.52
C TRP B 210 27.26 -28.49 16.81
N ILE B 211 28.47 -27.90 16.80
CA ILE B 211 29.32 -27.77 17.99
C ILE B 211 28.74 -26.77 19.02
N MET B 212 28.23 -25.61 18.56
CA MET B 212 27.50 -24.64 19.39
C MET B 212 26.26 -25.25 20.05
N PHE B 213 25.42 -25.92 19.23
CA PHE B 213 24.18 -26.56 19.63
C PHE B 213 24.37 -27.68 20.67
N LEU B 214 25.32 -28.60 20.42
CA LEU B 214 25.62 -29.69 21.35
C LEU B 214 26.29 -29.21 22.64
N SER B 215 27.16 -28.18 22.53
CA SER B 215 27.81 -27.54 23.67
C SER B 215 26.81 -26.87 24.61
N THR B 216 26.00 -25.94 24.08
CA THR B 216 25.00 -25.20 24.85
C THR B 216 23.81 -26.08 25.32
N PHE B 217 23.57 -27.22 24.65
CA PHE B 217 22.59 -28.22 25.08
C PHE B 217 23.09 -29.06 26.26
N SER B 218 24.40 -29.36 26.30
CA SER B 218 25.03 -30.19 27.32
C SER B 218 25.52 -29.39 28.52
N VAL B 219 26.58 -28.57 28.36
CA VAL B 219 27.37 -28.08 29.50
C VAL B 219 26.74 -26.98 30.41
N PRO B 220 25.82 -26.10 29.94
CA PRO B 220 25.02 -25.26 30.86
C PRO B 220 24.06 -26.08 31.72
N TYR B 221 23.41 -27.07 31.10
CA TYR B 221 22.50 -28.01 31.72
C TYR B 221 23.21 -28.93 32.74
N PHE B 222 24.35 -29.51 32.36
CA PHE B 222 25.16 -30.41 33.18
C PHE B 222 25.77 -29.71 34.40
N LEU B 223 26.34 -28.50 34.19
CA LEU B 223 26.80 -27.63 35.28
C LEU B 223 25.65 -27.29 36.23
N PHE B 224 24.50 -26.86 35.69
CA PHE B 224 23.35 -26.48 36.50
C PHE B 224 22.74 -27.64 37.32
N GLN B 225 22.67 -28.85 36.75
CA GLN B 225 22.26 -30.08 37.46
C GLN B 225 23.29 -30.54 38.52
N HIS B 226 24.59 -30.28 38.32
CA HIS B 226 25.61 -30.57 39.33
C HIS B 226 25.52 -29.59 40.51
N TRP B 227 25.33 -28.29 40.24
CA TRP B 227 25.05 -27.25 41.24
C TRP B 227 23.79 -27.54 42.09
N ALA B 228 22.74 -28.01 41.42
CA ALA B 228 21.40 -28.27 41.93
C ALA B 228 21.35 -29.15 43.19
N THR B 229 21.72 -30.43 43.03
CA THR B 229 21.47 -31.51 43.99
C THR B 229 22.12 -31.32 45.37
N GLY B 230 23.36 -30.80 45.41
CA GLY B 230 24.17 -30.75 46.62
C GLY B 230 24.15 -29.38 47.30
N TYR B 231 23.28 -28.43 46.90
CA TYR B 231 23.20 -27.12 47.53
C TYR B 231 22.73 -27.20 49.01
N SER B 232 23.26 -26.28 49.83
CA SER B 232 23.02 -26.12 51.26
C SER B 232 23.62 -27.28 52.09
N LYS B 233 24.75 -27.84 51.62
CA LYS B 233 25.53 -28.89 52.28
C LYS B 233 27.03 -28.56 52.32
N SER B 234 27.43 -27.41 51.76
CA SER B 234 28.82 -26.94 51.68
C SER B 234 29.46 -26.62 53.04
N SER B 235 30.80 -26.62 53.05
CA SER B 235 31.62 -26.22 54.20
C SER B 235 31.49 -24.72 54.52
N HIS B 236 31.60 -23.87 53.49
CA HIS B 236 31.45 -22.42 53.51
C HIS B 236 30.30 -22.12 52.53
N PRO B 237 29.20 -21.44 52.96
CA PRO B 237 27.93 -21.37 52.22
C PRO B 237 28.00 -21.00 50.72
N LEU B 238 28.79 -19.98 50.38
CA LEU B 238 28.93 -19.48 49.01
C LEU B 238 30.11 -20.08 48.21
N ILE B 239 31.03 -20.84 48.84
CA ILE B 239 32.24 -21.36 48.14
C ILE B 239 31.92 -22.29 46.96
N ARG B 240 30.81 -23.04 47.07
CA ARG B 240 30.29 -23.93 46.06
C ARG B 240 29.90 -23.15 44.79
N SER B 241 28.97 -22.18 44.92
CA SER B 241 28.54 -21.28 43.83
C SER B 241 29.62 -20.32 43.31
N LEU B 242 30.63 -19.97 44.13
CA LEU B 242 31.77 -19.16 43.69
C LEU B 242 32.61 -19.92 42.65
N PHE B 243 32.97 -21.17 42.97
CA PHE B 243 33.61 -22.11 42.04
C PHE B 243 32.75 -22.47 40.81
N HIS B 244 31.45 -22.74 41.06
CA HIS B 244 30.52 -23.22 40.03
C HIS B 244 30.07 -22.12 39.05
N GLY B 245 29.82 -20.91 39.57
CA GLY B 245 29.46 -19.72 38.81
C GLY B 245 30.68 -19.18 38.06
N PHE B 246 31.90 -19.38 38.59
CA PHE B 246 33.16 -19.20 37.86
C PHE B 246 33.25 -20.13 36.64
N LEU B 247 32.99 -21.43 36.84
CA LEU B 247 33.02 -22.46 35.81
C LEU B 247 31.95 -22.27 34.71
N PHE B 248 30.79 -21.70 35.09
CA PHE B 248 29.74 -21.29 34.16
C PHE B 248 30.09 -20.01 33.36
N MET B 249 30.78 -19.06 33.96
CA MET B 249 31.21 -17.88 33.22
C MET B 249 32.27 -18.38 32.23
N ILE B 250 33.25 -19.13 32.73
CA ILE B 250 34.26 -19.72 31.85
C ILE B 250 33.65 -20.37 30.59
N PHE B 251 32.46 -21.00 30.72
CA PHE B 251 31.65 -21.42 29.58
C PHE B 251 31.17 -20.25 28.72
N GLN B 252 30.52 -19.25 29.35
CA GLN B 252 29.91 -18.10 28.67
C GLN B 252 30.89 -17.26 27.86
N ILE B 253 32.08 -17.01 28.42
CA ILE B 253 33.12 -16.17 27.83
C ILE B 253 34.08 -16.98 26.93
N GLY B 254 34.35 -18.25 27.28
CA GLY B 254 35.32 -19.09 26.58
C GLY B 254 34.64 -19.84 25.44
N VAL B 255 33.69 -20.73 25.76
CA VAL B 255 33.11 -21.67 24.81
C VAL B 255 32.12 -21.01 23.84
N LEU B 256 31.08 -20.31 24.36
CA LEU B 256 30.14 -19.56 23.54
C LEU B 256 30.60 -18.11 23.28
N GLY B 257 31.53 -17.58 24.09
CA GLY B 257 31.95 -16.18 23.98
C GLY B 257 33.11 -16.04 23.00
N PHE B 258 34.02 -17.03 22.94
CA PHE B 258 35.20 -17.00 22.07
C PHE B 258 35.18 -18.08 20.98
N GLY B 259 34.49 -19.22 21.17
CA GLY B 259 34.49 -20.32 20.20
C GLY B 259 33.88 -19.91 18.83
N PRO B 260 32.64 -19.38 18.79
CA PRO B 260 31.99 -18.89 17.56
C PRO B 260 32.63 -17.64 16.93
N THR B 261 33.13 -16.69 17.74
CA THR B 261 33.80 -15.50 17.20
C THR B 261 35.27 -15.77 16.79
N TYR B 262 35.90 -16.83 17.30
CA TYR B 262 37.23 -17.27 16.87
C TYR B 262 37.15 -18.00 15.53
N VAL B 263 36.21 -18.95 15.38
CA VAL B 263 36.02 -19.71 14.14
C VAL B 263 35.51 -18.85 12.97
N VAL B 264 34.83 -17.72 13.25
CA VAL B 264 34.37 -16.77 12.24
C VAL B 264 35.46 -15.78 11.79
N LEU B 265 36.35 -15.37 12.71
CA LEU B 265 37.49 -14.49 12.42
C LEU B 265 38.72 -15.26 11.89
N ALA B 266 38.80 -16.58 12.15
CA ALA B 266 39.88 -17.47 11.72
C ALA B 266 39.99 -17.56 10.19
N TYR B 267 38.95 -18.11 9.54
CA TYR B 267 38.91 -18.24 8.09
C TYR B 267 38.49 -16.94 7.39
N THR B 268 38.12 -15.91 8.18
CA THR B 268 37.60 -14.61 7.75
C THR B 268 36.35 -14.82 6.85
N LEU B 269 35.31 -15.40 7.48
CA LEU B 269 34.08 -15.84 6.80
C LEU B 269 33.37 -14.69 6.06
N PRO B 270 32.73 -14.99 4.92
CA PRO B 270 31.98 -13.98 4.17
C PRO B 270 30.78 -13.44 4.99
N PRO B 271 30.53 -12.11 4.98
CA PRO B 271 29.55 -11.42 5.86
C PRO B 271 28.10 -11.94 6.04
N ALA B 272 27.62 -12.93 5.26
CA ALA B 272 26.28 -13.51 5.44
C ALA B 272 26.27 -14.86 6.17
N SER B 273 27.33 -15.67 6.05
CA SER B 273 27.48 -16.90 6.86
C SER B 273 28.08 -16.62 8.23
N ARG B 274 28.91 -15.57 8.30
CA ARG B 274 29.38 -14.91 9.50
C ARG B 274 28.22 -14.32 10.33
N PHE B 275 27.20 -13.79 9.63
CA PHE B 275 25.94 -13.36 10.24
C PHE B 275 25.19 -14.51 10.93
N ILE B 276 25.10 -15.67 10.27
CA ILE B 276 24.46 -16.87 10.82
C ILE B 276 25.18 -17.39 12.09
N ILE B 277 26.53 -17.36 12.12
CA ILE B 277 27.32 -17.74 13.29
C ILE B 277 27.08 -16.83 14.50
N ILE B 278 27.21 -15.50 14.34
CA ILE B 278 27.07 -14.54 15.44
C ILE B 278 25.61 -14.39 15.95
N PHE B 279 24.63 -14.62 15.05
CA PHE B 279 23.20 -14.70 15.33
C PHE B 279 22.87 -15.87 16.28
N GLU B 280 23.35 -17.07 15.90
CA GLU B 280 23.19 -18.32 16.64
C GLU B 280 24.03 -18.37 17.93
N GLN B 281 25.17 -17.67 17.95
CA GLN B 281 26.00 -17.48 19.15
C GLN B 281 25.25 -16.71 20.23
N ILE B 282 24.84 -15.48 19.91
CA ILE B 282 24.18 -14.58 20.86
C ILE B 282 22.76 -15.06 21.22
N ARG B 283 22.11 -15.87 20.35
CA ARG B 283 20.95 -16.69 20.69
C ARG B 283 21.19 -17.59 21.90
N PHE B 284 22.20 -18.45 21.77
CA PHE B 284 22.57 -19.47 22.76
C PHE B 284 23.15 -18.87 24.05
N VAL B 285 23.84 -17.73 23.97
CA VAL B 285 24.32 -16.95 25.12
C VAL B 285 23.15 -16.39 25.96
N MET B 286 22.12 -15.84 25.29
CA MET B 286 20.91 -15.32 25.91
C MET B 286 20.03 -16.41 26.53
N LYS B 287 19.85 -17.53 25.82
CA LYS B 287 19.13 -18.71 26.30
C LYS B 287 19.81 -19.39 27.49
N ALA B 288 21.16 -19.45 27.47
CA ALA B 288 21.96 -19.99 28.57
C ALA B 288 21.95 -19.09 29.82
N HIS B 289 22.00 -17.76 29.64
CA HIS B 289 21.83 -16.78 30.71
C HIS B 289 20.43 -16.87 31.35
N SER B 290 19.37 -16.97 30.52
CA SER B 290 17.99 -17.08 30.98
C SER B 290 17.68 -18.40 31.71
N PHE B 291 18.21 -19.53 31.20
CA PHE B 291 18.05 -20.86 31.80
C PHE B 291 18.70 -20.99 33.19
N VAL B 292 19.77 -20.22 33.43
CA VAL B 292 20.39 -20.05 34.73
C VAL B 292 19.63 -19.02 35.60
N ARG B 293 19.31 -17.85 35.04
CA ARG B 293 18.64 -16.75 35.76
C ARG B 293 17.20 -17.03 36.21
N GLU B 294 16.51 -17.97 35.54
CA GLU B 294 15.15 -18.40 35.90
C GLU B 294 15.15 -19.39 37.08
N ASN B 295 16.18 -20.26 37.15
CA ASN B 295 16.25 -21.35 38.12
C ASN B 295 17.13 -21.04 39.34
N VAL B 296 18.23 -20.27 39.19
CA VAL B 296 19.16 -19.96 40.28
C VAL B 296 18.53 -19.19 41.47
N PRO B 297 17.73 -18.12 41.24
CA PRO B 297 17.00 -17.45 42.33
C PRO B 297 15.97 -18.33 43.04
N ARG B 298 15.43 -19.35 42.34
CA ARG B 298 14.49 -20.30 42.92
C ARG B 298 15.15 -21.25 43.94
N VAL B 299 16.29 -21.86 43.57
CA VAL B 299 17.03 -22.78 44.45
C VAL B 299 17.70 -22.09 45.66
N LEU B 300 18.11 -20.82 45.49
CA LEU B 300 18.84 -20.03 46.49
C LEU B 300 17.98 -19.64 47.70
N ASN B 301 16.82 -19.01 47.44
CA ASN B 301 15.92 -18.48 48.47
C ASN B 301 15.25 -19.61 49.27
N SER B 302 15.37 -19.50 50.61
CA SER B 302 14.87 -20.48 51.59
C SER B 302 14.79 -19.66 52.87
N SER B 307 13.51 -29.21 52.50
CA SER B 307 12.15 -28.63 52.41
C SER B 307 11.66 -28.55 50.93
N SER B 308 12.44 -29.06 49.95
CA SER B 308 12.15 -29.10 48.51
C SER B 308 12.03 -27.67 47.91
N THR B 309 13.03 -26.83 48.19
CA THR B 309 13.11 -25.44 47.72
C THR B 309 13.81 -25.29 46.36
N VAL B 310 14.25 -26.40 45.75
CA VAL B 310 15.09 -26.41 44.55
C VAL B 310 14.59 -27.39 43.47
N PRO B 311 13.63 -26.96 42.61
CA PRO B 311 13.22 -27.71 41.42
C PRO B 311 14.02 -27.29 40.17
N ILE B 312 14.58 -28.29 39.47
CA ILE B 312 15.40 -28.13 38.27
C ILE B 312 14.82 -29.03 37.16
N PRO B 313 14.51 -28.45 35.98
CA PRO B 313 13.71 -29.13 34.93
C PRO B 313 14.46 -30.24 34.18
N THR B 314 13.67 -31.10 33.52
CA THR B 314 14.13 -32.12 32.58
C THR B 314 14.86 -31.53 31.35
N VAL B 315 15.85 -32.29 30.84
CA VAL B 315 16.57 -31.99 29.60
C VAL B 315 15.68 -32.01 28.35
N ASN B 316 14.62 -32.83 28.37
CA ASN B 316 13.65 -33.01 27.28
C ASN B 316 12.84 -31.73 26.95
N GLN B 317 12.67 -30.85 27.96
CA GLN B 317 12.03 -29.54 27.79
C GLN B 317 13.06 -28.40 27.69
N TYR B 318 14.32 -28.63 28.09
CA TYR B 318 15.44 -27.73 27.76
C TYR B 318 15.73 -27.73 26.25
N LEU B 319 15.68 -28.92 25.62
CA LEU B 319 15.82 -29.11 24.18
C LEU B 319 14.74 -28.37 23.37
N TYR B 320 13.47 -28.50 23.80
CA TYR B 320 12.35 -27.76 23.22
C TYR B 320 12.52 -26.23 23.33
N PHE B 321 13.04 -25.76 24.47
CA PHE B 321 13.41 -24.36 24.67
C PHE B 321 14.53 -23.85 23.75
N LEU B 322 15.54 -24.68 23.45
CA LEU B 322 16.59 -24.33 22.48
C LEU B 322 16.11 -24.19 21.03
N PHE B 323 14.83 -24.51 20.74
CA PHE B 323 14.17 -24.27 19.45
C PHE B 323 12.95 -23.33 19.56
N ALA B 324 12.55 -22.95 20.79
CA ALA B 324 11.36 -22.15 21.07
C ALA B 324 11.49 -20.69 20.59
N PRO B 325 10.47 -20.14 19.88
CA PRO B 325 10.29 -18.70 19.57
C PRO B 325 10.27 -17.69 20.75
N THR B 326 11.39 -17.59 21.50
CA THR B 326 11.53 -16.77 22.70
C THR B 326 13.02 -16.70 23.14
N LEU B 327 13.31 -15.88 24.16
CA LEU B 327 14.62 -15.74 24.81
C LEU B 327 14.54 -15.81 26.35
N ILE B 328 13.32 -16.00 26.90
CA ILE B 328 13.09 -16.17 28.33
C ILE B 328 12.76 -17.66 28.54
N TYR B 329 13.52 -18.34 29.39
CA TYR B 329 13.26 -19.74 29.63
C TYR B 329 12.02 -20.01 30.48
N ARG B 330 11.18 -20.90 29.95
CA ARG B 330 9.98 -21.38 30.61
C ARG B 330 9.83 -22.88 30.31
N ASP B 331 9.11 -23.56 31.20
CA ASP B 331 8.45 -24.85 30.94
C ASP B 331 6.95 -24.59 30.62
N SER B 332 6.50 -23.34 30.80
CA SER B 332 5.13 -22.86 30.60
C SER B 332 4.87 -22.57 29.12
N TYR B 333 4.58 -23.63 28.34
CA TYR B 333 4.25 -23.55 26.92
C TYR B 333 3.01 -24.43 26.65
N PRO B 334 1.98 -23.86 25.98
CA PRO B 334 0.76 -24.59 25.64
C PRO B 334 0.96 -25.51 24.42
N ARG B 335 -0.07 -26.28 24.08
CA ARG B 335 -0.14 -27.03 22.83
C ARG B 335 -1.39 -26.61 22.07
N ASN B 336 -1.18 -26.11 20.83
CA ASN B 336 -2.17 -26.10 19.75
C ASN B 336 -2.56 -27.57 19.42
N PRO B 337 -3.79 -27.83 18.97
CA PRO B 337 -4.32 -29.21 18.82
C PRO B 337 -3.46 -30.17 17.98
N THR B 338 -2.89 -29.66 16.89
CA THR B 338 -1.96 -30.37 16.00
C THR B 338 -0.99 -29.38 15.33
N VAL B 339 0.03 -29.93 14.67
CA VAL B 339 0.82 -29.25 13.63
C VAL B 339 0.11 -29.43 12.27
N ARG B 340 -0.11 -28.31 11.58
CA ARG B 340 -0.71 -28.27 10.25
C ARG B 340 0.40 -28.30 9.19
N TRP B 341 0.57 -29.47 8.55
CA TRP B 341 1.59 -29.69 7.53
C TRP B 341 1.41 -28.87 6.24
N GLY B 342 0.16 -28.55 5.88
CA GLY B 342 -0.15 -27.67 4.75
C GLY B 342 0.20 -26.20 5.06
N TYR B 343 0.10 -25.79 6.34
CA TYR B 343 0.46 -24.45 6.80
C TYR B 343 1.97 -24.23 6.80
N VAL B 344 2.77 -25.17 7.36
CA VAL B 344 4.22 -25.04 7.40
C VAL B 344 4.87 -25.17 6.02
N ALA B 345 4.27 -25.97 5.12
CA ALA B 345 4.64 -26.05 3.71
C ALA B 345 4.41 -24.71 2.98
N MET B 346 3.28 -24.05 3.28
CA MET B 346 2.96 -22.72 2.76
C MET B 346 3.89 -21.63 3.32
N LYS B 347 4.18 -21.65 4.63
CA LYS B 347 5.09 -20.71 5.29
C LYS B 347 6.56 -20.86 4.86
N PHE B 348 7.03 -22.10 4.62
CA PHE B 348 8.38 -22.36 4.10
C PHE B 348 8.56 -21.97 2.63
N ALA B 349 7.53 -22.21 1.80
CA ALA B 349 7.47 -21.72 0.42
C ALA B 349 7.43 -20.19 0.33
N GLN B 350 6.78 -19.56 1.32
CA GLN B 350 6.64 -18.10 1.46
C GLN B 350 7.94 -17.44 1.97
N VAL B 351 8.66 -18.10 2.91
CA VAL B 351 10.00 -17.70 3.35
C VAL B 351 11.03 -17.78 2.19
N PHE B 352 11.00 -18.91 1.45
CA PHE B 352 11.84 -19.16 0.28
C PHE B 352 11.61 -18.14 -0.85
N GLY B 353 10.32 -17.88 -1.16
CA GLY B 353 9.90 -16.94 -2.18
C GLY B 353 10.23 -15.49 -1.79
N CYS B 354 10.04 -15.10 -0.52
CA CYS B 354 10.38 -13.77 0.00
C CYS B 354 11.89 -13.54 0.07
N PHE B 355 12.69 -14.55 0.45
CA PHE B 355 14.15 -14.50 0.40
C PHE B 355 14.72 -14.31 -1.01
N PHE B 356 14.18 -15.10 -1.96
CA PHE B 356 14.49 -15.01 -3.39
C PHE B 356 14.17 -13.62 -3.97
N TYR B 357 12.99 -13.09 -3.60
CA TYR B 357 12.49 -11.79 -4.04
C TYR B 357 13.33 -10.63 -3.49
N VAL B 358 13.63 -10.65 -2.18
CA VAL B 358 14.51 -9.68 -1.51
C VAL B 358 15.93 -9.66 -2.10
N TYR B 359 16.45 -10.83 -2.48
CA TYR B 359 17.72 -10.97 -3.18
C TYR B 359 17.70 -10.32 -4.58
N TYR B 360 16.64 -10.59 -5.37
CA TYR B 360 16.42 -10.05 -6.72
C TYR B 360 16.32 -8.52 -6.73
N ILE B 361 15.55 -7.95 -5.78
CA ILE B 361 15.38 -6.51 -5.59
C ILE B 361 16.68 -5.84 -5.11
N PHE B 362 17.36 -6.43 -4.11
CA PHE B 362 18.64 -5.97 -3.60
C PHE B 362 19.72 -5.84 -4.68
N GLU B 363 19.93 -6.93 -5.45
CA GLU B 363 20.95 -6.99 -6.48
C GLU B 363 20.68 -6.00 -7.63
N ARG B 364 19.46 -5.98 -8.21
CA ARG B 364 19.19 -5.16 -9.39
C ARG B 364 19.09 -3.66 -9.09
N LEU B 365 18.46 -3.27 -7.97
CA LEU B 365 18.10 -1.88 -7.68
C LEU B 365 19.13 -1.15 -6.80
N CYS B 366 20.11 -1.84 -6.20
CA CYS B 366 21.11 -1.16 -5.35
C CYS B 366 22.53 -1.74 -5.40
N ALA B 367 22.78 -2.92 -6.01
CA ALA B 367 24.16 -3.42 -6.18
C ALA B 367 25.03 -2.68 -7.23
N PRO B 368 24.46 -2.16 -8.35
CA PRO B 368 25.17 -1.21 -9.23
C PRO B 368 25.61 0.09 -8.53
N LEU B 369 24.74 0.55 -7.62
CA LEU B 369 24.96 1.71 -6.78
C LEU B 369 25.99 1.45 -5.66
N PHE B 370 26.05 0.21 -5.12
CA PHE B 370 27.10 -0.26 -4.18
C PHE B 370 28.51 -0.25 -4.80
N ARG B 371 28.59 -0.54 -6.11
CA ARG B 371 29.82 -0.45 -6.90
C ARG B 371 30.27 1.00 -7.14
N ASN B 372 29.30 1.93 -7.26
CA ASN B 372 29.56 3.35 -7.48
C ASN B 372 30.01 4.06 -6.18
N ILE B 373 29.37 3.74 -5.03
CA ILE B 373 29.80 4.23 -3.71
C ILE B 373 31.07 3.53 -3.17
N LYS B 374 31.51 2.45 -3.83
CA LYS B 374 32.83 1.85 -3.62
C LYS B 374 33.93 2.65 -4.36
N GLN B 375 33.71 2.90 -5.66
CA GLN B 375 34.72 3.41 -6.58
C GLN B 375 35.15 4.87 -6.32
N GLU B 376 34.19 5.80 -6.26
CA GLU B 376 34.44 7.24 -6.11
C GLU B 376 33.61 7.80 -4.93
N PRO B 377 33.97 7.46 -3.67
CA PRO B 377 33.10 7.71 -2.52
C PRO B 377 33.11 9.15 -1.96
N PHE B 378 34.24 9.86 -2.09
CA PHE B 378 34.56 11.03 -1.26
C PHE B 378 33.67 12.26 -1.49
N SER B 379 33.66 12.81 -2.71
CA SER B 379 32.88 14.00 -3.04
C SER B 379 31.37 13.71 -3.04
N ALA B 380 30.60 14.74 -2.64
CA ALA B 380 29.17 14.68 -2.35
C ALA B 380 28.24 14.19 -3.48
N ARG B 381 28.71 14.21 -4.74
CA ARG B 381 27.92 13.87 -5.93
C ARG B 381 27.33 12.45 -5.88
N VAL B 382 28.17 11.41 -5.67
CA VAL B 382 27.71 10.02 -5.63
C VAL B 382 26.85 9.69 -4.39
N LEU B 383 27.18 10.29 -3.23
CA LEU B 383 26.48 10.01 -1.98
C LEU B 383 25.12 10.71 -1.90
N VAL B 384 24.96 11.91 -2.50
CA VAL B 384 23.66 12.55 -2.69
C VAL B 384 22.81 11.78 -3.72
N LEU B 385 23.42 11.41 -4.85
CA LEU B 385 22.85 10.54 -5.89
C LEU B 385 22.34 9.19 -5.34
N CYS B 386 23.08 8.60 -4.37
CA CYS B 386 22.78 7.30 -3.79
C CYS B 386 21.68 7.34 -2.73
N VAL B 387 21.69 8.32 -1.81
CA VAL B 387 20.71 8.42 -0.72
C VAL B 387 19.30 8.78 -1.21
N PHE B 388 19.24 9.55 -2.31
CA PHE B 388 17.99 9.86 -3.00
C PHE B 388 17.51 8.75 -3.95
N ASN B 389 18.28 7.66 -4.15
CA ASN B 389 17.87 6.51 -4.97
C ASN B 389 17.77 5.20 -4.16
N SER B 390 18.21 5.19 -2.90
CA SER B 390 18.18 4.03 -2.00
C SER B 390 16.84 3.86 -1.24
N ILE B 391 15.84 4.71 -1.53
CA ILE B 391 14.63 4.85 -0.71
C ILE B 391 13.58 3.77 -0.98
N LEU B 392 13.00 3.71 -2.19
CA LEU B 392 11.95 2.74 -2.53
C LEU B 392 12.38 1.26 -2.46
N PRO B 393 13.60 0.88 -2.94
CA PRO B 393 14.11 -0.49 -2.75
C PRO B 393 14.43 -0.81 -1.28
N GLY B 394 14.93 0.19 -0.54
CA GLY B 394 15.33 0.10 0.87
C GLY B 394 14.14 -0.22 1.78
N VAL B 395 13.01 0.48 1.63
CA VAL B 395 11.78 0.23 2.39
C VAL B 395 11.05 -1.05 1.94
N LEU B 396 11.22 -1.45 0.66
CA LEU B 396 10.65 -2.69 0.11
C LEU B 396 11.33 -3.93 0.70
N ILE B 397 12.68 -3.97 0.70
CA ILE B 397 13.44 -5.06 1.31
C ILE B 397 13.33 -5.08 2.84
N LEU B 398 13.13 -3.91 3.50
CA LEU B 398 12.88 -3.79 4.93
C LEU B 398 11.54 -4.45 5.34
N PHE B 399 10.48 -4.17 4.57
CA PHE B 399 9.14 -4.71 4.81
C PHE B 399 9.04 -6.21 4.50
N LEU B 400 9.68 -6.64 3.40
CA LEU B 400 9.74 -8.05 3.00
C LEU B 400 10.62 -8.91 3.92
N THR B 401 11.76 -8.38 4.41
CA THR B 401 12.63 -9.13 5.33
C THR B 401 12.05 -9.18 6.76
N PHE B 402 11.35 -8.11 7.19
CA PHE B 402 10.54 -8.10 8.41
C PHE B 402 9.44 -9.18 8.37
N PHE B 403 8.69 -9.22 7.26
CA PHE B 403 7.64 -10.20 7.01
C PHE B 403 8.18 -11.64 6.95
N ALA B 404 9.28 -11.87 6.23
CA ALA B 404 9.91 -13.18 6.09
C ALA B 404 10.48 -13.75 7.41
N PHE B 405 11.07 -12.89 8.26
CA PHE B 405 11.73 -13.31 9.50
C PHE B 405 10.84 -13.25 10.75
N LEU B 406 10.25 -12.08 11.06
CA LEU B 406 9.44 -11.87 12.27
C LEU B 406 8.07 -12.56 12.22
N HIS B 407 7.47 -12.65 11.02
CA HIS B 407 6.18 -13.31 10.83
C HIS B 407 6.40 -14.76 10.33
N CYS B 408 6.74 -14.94 9.04
CA CYS B 408 6.69 -16.23 8.36
C CYS B 408 7.62 -17.32 8.95
N TRP B 409 8.90 -16.99 9.21
CA TRP B 409 9.89 -17.90 9.77
C TRP B 409 9.58 -18.33 11.21
N LEU B 410 9.29 -17.35 12.08
CA LEU B 410 8.92 -17.59 13.48
C LEU B 410 7.58 -18.34 13.61
N ASN B 411 6.60 -18.08 12.73
CA ASN B 411 5.33 -18.81 12.68
C ASN B 411 5.46 -20.23 12.12
N ALA B 412 6.39 -20.48 11.18
CA ALA B 412 6.68 -21.83 10.67
C ALA B 412 7.26 -22.74 11.75
N PHE B 413 8.17 -22.19 12.57
CA PHE B 413 8.78 -22.86 13.71
C PHE B 413 7.83 -22.99 14.90
N ALA B 414 7.07 -21.93 15.21
CA ALA B 414 6.01 -21.92 16.23
C ALA B 414 4.84 -22.87 15.93
N GLU B 415 4.63 -23.21 14.64
CA GLU B 415 3.63 -24.18 14.21
C GLU B 415 4.13 -25.62 14.35
N MET B 416 5.38 -25.89 13.93
CA MET B 416 6.04 -27.19 14.10
C MET B 416 6.22 -27.59 15.57
N LEU B 417 6.45 -26.58 16.43
CA LEU B 417 6.61 -26.75 17.87
C LEU B 417 5.31 -26.52 18.65
N ARG B 418 4.23 -26.02 18.02
CA ARG B 418 2.92 -25.77 18.65
C ARG B 418 3.02 -24.81 19.86
N PHE B 419 3.68 -23.65 19.65
CA PHE B 419 4.09 -22.72 20.71
C PHE B 419 2.96 -21.84 21.25
N GLY B 420 1.90 -21.62 20.45
CA GLY B 420 0.66 -20.92 20.85
C GLY B 420 0.81 -19.40 20.87
N ASP B 421 1.78 -18.85 21.62
CA ASP B 421 2.00 -17.41 21.77
C ASP B 421 2.81 -16.86 20.60
N ARG B 422 2.07 -16.41 19.58
CA ARG B 422 2.61 -15.64 18.47
C ARG B 422 2.37 -14.16 18.82
N MET B 423 3.22 -13.62 19.70
CA MET B 423 3.25 -12.18 20.05
C MET B 423 4.54 -11.54 19.53
N PHE B 424 5.12 -12.09 18.45
CA PHE B 424 6.48 -11.87 17.97
C PHE B 424 6.88 -10.44 17.61
N TYR B 425 5.89 -9.57 17.36
CA TYR B 425 6.07 -8.17 17.02
C TYR B 425 4.82 -7.41 17.45
N LYS B 426 5.04 -6.21 18.00
CA LYS B 426 3.99 -5.23 18.24
C LYS B 426 3.81 -4.36 16.98
N ASP B 427 2.72 -3.58 16.92
CA ASP B 427 2.40 -2.66 15.84
C ASP B 427 3.36 -1.45 15.86
N TRP B 428 4.54 -1.61 15.30
CA TRP B 428 5.54 -0.55 15.31
C TRP B 428 5.04 0.76 14.70
N TRP B 429 4.35 0.65 13.58
CA TRP B 429 3.85 1.79 12.83
C TRP B 429 2.98 2.76 13.66
N ASN B 430 2.39 2.27 14.78
CA ASN B 430 1.57 3.04 15.72
C ASN B 430 2.34 3.44 17.00
N SER B 431 3.65 3.14 17.10
CA SER B 431 4.49 3.50 18.24
C SER B 431 4.58 5.04 18.43
N THR B 432 4.64 5.47 19.70
CA THR B 432 4.44 6.85 20.11
C THR B 432 5.72 7.49 20.68
N SER B 433 6.27 6.95 21.80
CA SER B 433 7.40 7.53 22.52
C SER B 433 8.10 6.50 23.44
N TYR B 434 9.30 6.85 23.89
CA TYR B 434 10.20 6.00 24.66
C TYR B 434 9.80 5.77 26.13
N SER B 435 9.60 6.84 26.90
CA SER B 435 9.55 6.85 28.37
C SER B 435 8.59 5.82 28.99
N ASN B 436 7.39 5.70 28.41
CA ASN B 436 6.44 4.65 28.70
C ASN B 436 5.57 4.43 27.46
N TYR B 437 4.93 3.26 27.40
CA TYR B 437 4.04 2.82 26.31
C TYR B 437 4.77 2.60 24.96
N TYR B 438 6.11 2.41 25.01
CA TYR B 438 6.92 2.14 23.82
C TYR B 438 6.56 0.79 23.21
N ARG B 439 6.32 0.80 21.88
CA ARG B 439 5.99 -0.40 21.11
C ARG B 439 7.21 -0.75 20.26
N THR B 440 7.77 -1.95 20.53
CA THR B 440 8.94 -2.48 19.83
C THR B 440 8.48 -3.35 18.65
N TRP B 441 9.24 -3.28 17.55
CA TRP B 441 9.00 -4.05 16.32
C TRP B 441 9.36 -5.54 16.43
N ASN B 442 10.11 -5.94 17.47
CA ASN B 442 10.26 -7.33 17.88
C ASN B 442 10.21 -7.37 19.41
N VAL B 443 9.43 -8.31 19.97
CA VAL B 443 9.22 -8.38 21.42
C VAL B 443 10.32 -9.18 22.14
N VAL B 444 10.87 -10.21 21.49
CA VAL B 444 11.81 -11.19 22.05
C VAL B 444 13.12 -10.60 22.59
N VAL B 445 13.73 -9.67 21.84
CA VAL B 445 14.92 -8.93 22.27
C VAL B 445 14.58 -7.89 23.36
N HIS B 446 13.41 -7.24 23.25
CA HIS B 446 12.90 -6.32 24.26
C HIS B 446 12.60 -6.99 25.61
N ASP B 447 12.12 -8.23 25.58
CA ASP B 447 11.86 -9.00 26.78
C ASP B 447 13.18 -9.29 27.48
N TRP B 448 14.18 -9.78 26.73
CA TRP B 448 15.48 -10.06 27.31
C TRP B 448 16.15 -8.80 27.90
N LEU B 449 16.15 -7.68 27.15
CA LEU B 449 16.77 -6.43 27.55
C LEU B 449 16.13 -5.78 28.79
N TYR B 450 14.79 -5.66 28.82
CA TYR B 450 14.08 -5.09 29.96
C TYR B 450 14.18 -5.98 31.21
N TYR B 451 13.86 -7.28 31.06
CA TYR B 451 13.72 -8.21 32.18
C TYR B 451 15.05 -8.65 32.81
N TYR B 452 16.15 -8.63 32.04
CA TYR B 452 17.47 -9.11 32.48
C TYR B 452 18.59 -8.08 32.34
N ALA B 453 18.25 -6.77 32.34
CA ALA B 453 19.23 -5.71 32.50
C ALA B 453 18.66 -4.51 33.24
N TYR B 454 17.45 -4.03 32.89
CA TYR B 454 16.82 -2.93 33.62
C TYR B 454 16.43 -3.31 35.06
N LYS B 455 15.72 -4.45 35.24
CA LYS B 455 15.31 -4.94 36.56
C LYS B 455 16.47 -5.21 37.53
N ASP B 456 17.59 -5.69 37.00
CA ASP B 456 18.80 -5.98 37.77
C ASP B 456 19.60 -4.71 38.11
N PHE B 457 19.47 -3.65 37.28
CA PHE B 457 20.06 -2.33 37.54
C PHE B 457 19.20 -1.44 38.45
N LEU B 458 17.89 -1.77 38.61
CA LEU B 458 17.05 -1.28 39.72
C LEU B 458 17.52 -1.82 41.07
N TRP B 459 18.00 -3.07 41.08
CA TRP B 459 18.48 -3.76 42.28
C TRP B 459 19.92 -3.37 42.66
N PHE B 460 20.73 -2.90 41.68
CA PHE B 460 22.09 -2.44 41.93
C PHE B 460 22.15 -0.98 42.42
N PHE B 461 21.36 -0.09 41.80
CA PHE B 461 21.25 1.32 42.19
C PHE B 461 19.81 1.60 42.61
N SER B 462 19.67 2.22 43.80
CA SER B 462 18.39 2.65 44.39
C SER B 462 17.55 3.48 43.40
N LYS B 463 16.25 3.19 43.37
CA LYS B 463 15.28 3.60 42.35
C LYS B 463 15.07 5.12 42.16
N ARG B 464 15.68 5.96 43.02
CA ARG B 464 15.74 7.41 42.82
C ARG B 464 16.64 7.81 41.63
N PHE B 465 17.63 6.97 41.28
CA PHE B 465 18.54 7.14 40.15
C PHE B 465 18.18 6.14 39.04
N LYS B 466 16.91 5.70 38.92
CA LYS B 466 16.47 4.63 38.01
C LYS B 466 16.77 4.89 36.53
N SER B 467 16.46 6.09 36.04
CA SER B 467 16.70 6.51 34.66
C SER B 467 18.19 6.77 34.38
N ALA B 468 18.91 7.31 35.39
CA ALA B 468 20.36 7.50 35.37
C ALA B 468 21.14 6.16 35.36
N ALA B 469 20.55 5.11 35.94
CA ALA B 469 21.05 3.74 35.93
C ALA B 469 20.83 3.07 34.57
N MET B 470 19.60 3.18 34.02
CA MET B 470 19.18 2.58 32.75
C MET B 470 19.74 3.28 31.51
N LEU B 471 20.55 4.34 31.67
CA LEU B 471 21.54 4.76 30.67
C LEU B 471 22.52 3.62 30.34
N ALA B 472 22.72 2.69 31.30
CA ALA B 472 23.45 1.45 31.14
C ALA B 472 22.66 0.33 30.45
N VAL B 473 21.31 0.32 30.41
CA VAL B 473 20.57 -0.64 29.55
C VAL B 473 20.51 -0.17 28.09
N PHE B 474 20.48 1.16 27.86
CA PHE B 474 20.81 1.77 26.56
C PHE B 474 22.22 1.41 26.10
N ALA B 475 23.20 1.42 27.04
CA ALA B 475 24.58 1.02 26.80
C ALA B 475 24.76 -0.50 26.58
N VAL B 476 23.96 -1.35 27.24
CA VAL B 476 23.95 -2.81 27.05
C VAL B 476 23.46 -3.19 25.64
N SER B 477 22.36 -2.56 25.20
CA SER B 477 21.87 -2.69 23.82
C SER B 477 22.89 -2.16 22.80
N ALA B 478 23.52 -1.02 23.10
CA ALA B 478 24.57 -0.41 22.27
C ALA B 478 25.80 -1.31 22.09
N VAL B 479 26.41 -1.80 23.18
CA VAL B 479 27.63 -2.64 23.09
C VAL B 479 27.39 -4.02 22.43
N VAL B 480 26.19 -4.61 22.60
CA VAL B 480 25.83 -5.88 21.96
C VAL B 480 25.52 -5.69 20.45
N HIS B 481 24.97 -4.56 20.06
CA HIS B 481 24.71 -4.28 18.65
C HIS B 481 26.00 -3.88 17.94
N GLU B 482 26.78 -3.01 18.57
CA GLU B 482 28.06 -2.60 18.01
C GLU B 482 29.06 -3.76 17.93
N TYR B 483 29.00 -4.72 18.87
CA TYR B 483 29.67 -6.02 18.75
C TYR B 483 29.17 -6.81 17.53
N ALA B 484 27.84 -6.97 17.43
CA ALA B 484 27.17 -7.72 16.37
C ALA B 484 27.50 -7.20 14.97
N LEU B 485 27.27 -5.89 14.73
CA LEU B 485 27.57 -5.22 13.47
C LEU B 485 29.07 -5.17 13.15
N ALA B 486 29.94 -4.86 14.13
CA ALA B 486 31.38 -4.71 13.89
C ALA B 486 32.07 -6.02 13.53
N VAL B 487 31.79 -7.10 14.27
CA VAL B 487 32.29 -8.44 13.97
C VAL B 487 31.67 -9.01 12.68
N CYS B 488 30.40 -8.68 12.39
CA CYS B 488 29.66 -9.12 11.20
C CYS B 488 30.14 -8.44 9.89
N LEU B 489 30.61 -7.19 9.95
CA LEU B 489 30.95 -6.37 8.78
C LEU B 489 32.43 -5.96 8.69
N SER B 490 33.29 -6.42 9.62
CA SER B 490 34.72 -6.11 9.68
C SER B 490 35.02 -4.59 9.75
N PHE B 491 34.26 -3.85 10.57
CA PHE B 491 34.35 -2.40 10.62
C PHE B 491 33.87 -1.87 11.98
N PHE B 492 34.74 -1.12 12.67
CA PHE B 492 34.46 -0.50 13.96
C PHE B 492 34.04 0.96 13.76
N TYR B 493 32.72 1.21 13.86
CA TYR B 493 32.14 2.54 13.71
C TYR B 493 30.96 2.64 14.70
N PRO B 494 31.23 3.14 15.93
CA PRO B 494 30.32 2.99 17.08
C PRO B 494 29.07 3.89 17.07
N VAL B 495 29.10 4.96 16.25
CA VAL B 495 28.08 6.00 16.23
C VAL B 495 26.73 5.56 15.63
N LEU B 496 26.67 4.44 14.89
CA LEU B 496 25.47 3.96 14.20
C LEU B 496 24.23 3.82 15.11
N PHE B 497 24.33 2.97 16.15
CA PHE B 497 23.20 2.66 17.02
C PHE B 497 22.69 3.85 17.85
N VAL B 498 23.62 4.64 18.41
CA VAL B 498 23.30 5.82 19.23
C VAL B 498 22.70 6.99 18.42
N LEU B 499 23.13 7.18 17.15
CA LEU B 499 22.49 8.13 16.23
C LEU B 499 21.12 7.64 15.72
N PHE B 500 20.92 6.32 15.58
CA PHE B 500 19.59 5.73 15.34
C PHE B 500 18.60 5.96 16.49
N MET B 501 19.09 5.93 17.75
CA MET B 501 18.31 6.21 18.94
C MET B 501 18.01 7.70 19.14
N PHE B 502 18.92 8.60 18.72
CA PHE B 502 18.65 10.05 18.67
C PHE B 502 17.66 10.44 17.56
N PHE B 503 17.69 9.70 16.43
CA PHE B 503 16.74 9.84 15.34
C PHE B 503 15.34 9.35 15.74
N GLY B 504 15.27 8.21 16.45
CA GLY B 504 14.03 7.68 17.02
C GLY B 504 13.44 8.65 18.06
N MET B 505 14.29 9.28 18.91
CA MET B 505 13.89 10.30 19.88
C MET B 505 13.31 11.55 19.21
N ALA B 506 13.96 12.03 18.13
CA ALA B 506 13.52 13.16 17.33
C ALA B 506 12.18 12.90 16.60
N PHE B 507 11.99 11.67 16.09
CA PHE B 507 10.76 11.22 15.44
C PHE B 507 9.60 11.05 16.42
N ASN B 508 9.89 10.63 17.65
CA ASN B 508 8.94 10.56 18.76
C ASN B 508 8.55 11.96 19.25
N PHE B 509 9.47 12.94 19.22
CA PHE B 509 9.16 14.34 19.52
C PHE B 509 8.29 15.00 18.42
N ILE B 510 8.49 14.59 17.15
CA ILE B 510 7.69 15.01 16.00
C ILE B 510 6.24 14.52 16.06
N VAL B 511 6.00 13.23 16.37
CA VAL B 511 4.67 12.62 16.30
C VAL B 511 3.92 12.68 17.65
N ASN B 512 4.64 12.53 18.78
CA ASN B 512 4.08 12.58 20.13
C ASN B 512 4.00 14.03 20.67
N ASP B 513 3.60 14.15 21.94
CA ASP B 513 2.88 15.29 22.55
C ASP B 513 1.38 15.23 22.18
N SER B 514 0.95 14.14 21.51
CA SER B 514 -0.38 13.93 20.92
C SER B 514 -0.75 15.04 19.92
N ARG B 515 0.24 15.49 19.12
CA ARG B 515 0.04 16.45 18.03
C ARG B 515 -0.97 15.89 17.03
N LYS B 516 -0.70 14.66 16.57
CA LYS B 516 -1.64 13.77 15.86
C LYS B 516 -2.10 14.27 14.48
N LYS B 517 -1.73 15.51 14.10
CA LYS B 517 -2.01 16.14 12.81
C LYS B 517 -1.31 15.29 11.73
N PRO B 518 -2.05 14.81 10.71
CA PRO B 518 -1.47 14.06 9.58
C PRO B 518 -0.24 14.66 8.87
N ILE B 519 -0.07 15.99 8.96
CA ILE B 519 1.12 16.73 8.51
C ILE B 519 2.40 16.25 9.24
N TRP B 520 2.36 16.21 10.59
CA TRP B 520 3.47 15.73 11.43
C TRP B 520 3.73 14.23 11.30
N ASN B 521 2.67 13.41 11.11
CA ASN B 521 2.78 11.96 10.94
C ASN B 521 3.39 11.58 9.57
N VAL B 522 2.99 12.27 8.50
CA VAL B 522 3.58 12.14 7.16
C VAL B 522 5.04 12.62 7.13
N LEU B 523 5.33 13.76 7.81
CA LEU B 523 6.69 14.28 7.98
C LEU B 523 7.61 13.32 8.76
N MET B 524 7.06 12.61 9.77
CA MET B 524 7.73 11.54 10.50
C MET B 524 8.08 10.34 9.61
N TRP B 525 7.14 9.91 8.75
CA TRP B 525 7.37 8.79 7.82
C TRP B 525 8.39 9.07 6.72
N THR B 526 8.35 10.27 6.13
CA THR B 526 9.37 10.71 5.17
C THR B 526 10.75 10.87 5.83
N SER B 527 10.79 11.34 7.09
CA SER B 527 12.00 11.45 7.89
C SER B 527 12.58 10.09 8.29
N LEU B 528 11.73 9.07 8.51
CA LEU B 528 12.13 7.71 8.85
C LEU B 528 12.70 6.96 7.64
N PHE B 529 12.02 7.04 6.49
CA PHE B 529 12.43 6.41 5.23
C PHE B 529 13.71 7.02 4.64
N LEU B 530 13.77 8.36 4.60
CA LEU B 530 14.94 9.11 4.17
C LEU B 530 16.09 9.07 5.20
N GLY B 531 15.75 8.94 6.49
CA GLY B 531 16.68 8.87 7.62
C GLY B 531 17.42 7.54 7.66
N ASN B 532 16.72 6.42 7.41
CA ASN B 532 17.34 5.10 7.27
C ASN B 532 18.17 4.99 5.98
N GLY B 533 17.73 5.67 4.90
CA GLY B 533 18.40 5.69 3.61
C GLY B 533 19.71 6.46 3.68
N VAL B 534 19.69 7.68 4.26
CA VAL B 534 20.85 8.57 4.35
C VAL B 534 21.98 8.03 5.25
N LEU B 535 21.64 7.48 6.44
CA LEU B 535 22.66 6.94 7.36
C LEU B 535 23.10 5.52 7.04
N LEU B 536 22.30 4.70 6.32
CA LEU B 536 22.74 3.41 5.77
C LEU B 536 23.85 3.62 4.71
N CYS B 537 23.66 4.62 3.85
CA CYS B 537 24.58 4.99 2.79
C CYS B 537 25.84 5.69 3.32
N PHE B 538 25.71 6.53 4.37
CA PHE B 538 26.86 7.13 5.06
C PHE B 538 27.71 6.10 5.79
N TYR B 539 27.07 5.06 6.36
CA TYR B 539 27.73 3.92 6.99
C TYR B 539 28.51 3.07 5.96
N SER B 540 27.84 2.71 4.86
CA SER B 540 28.42 1.93 3.75
C SER B 540 29.50 2.72 2.98
N GLN B 541 29.37 4.06 2.93
CA GLN B 541 30.38 4.96 2.40
C GLN B 541 31.64 4.97 3.28
N GLU B 542 31.50 5.22 4.60
CA GLU B 542 32.63 5.24 5.54
C GLU B 542 33.40 3.91 5.65
N TRP B 543 32.69 2.79 5.41
CA TRP B 543 33.29 1.48 5.21
C TRP B 543 34.11 1.42 3.89
N TYR B 544 33.44 1.53 2.73
CA TYR B 544 34.05 1.40 1.41
C TYR B 544 35.10 2.48 1.07
N ALA B 545 35.04 3.64 1.74
CA ALA B 545 35.92 4.77 1.55
C ALA B 545 37.10 4.68 2.51
N ARG B 546 36.86 4.98 3.80
CA ARG B 546 37.90 5.23 4.80
C ARG B 546 38.41 4.00 5.56
N GLN B 547 38.05 2.77 5.12
CA GLN B 547 38.78 1.55 5.52
C GLN B 547 39.59 0.98 4.34
N HIS B 548 38.99 0.87 3.15
CA HIS B 548 39.66 0.40 1.93
C HIS B 548 40.79 1.36 1.47
N CYS B 549 40.43 2.64 1.32
CA CYS B 549 41.34 3.78 1.24
C CYS B 549 41.60 4.23 2.69
N PRO B 550 42.80 4.80 2.99
CA PRO B 550 43.43 4.85 4.33
C PRO B 550 42.91 4.06 5.52
C10 3VV C . -15.40 -2.00 -16.73
C13 3VV C . -14.66 1.58 -17.73
C15 3VV C . -14.81 4.12 -17.98
C17 3VV C . -15.56 6.50 -17.49
C21 3VV C . -18.83 4.91 -16.17
C22 3VV C . -19.44 3.64 -16.77
C24 3VV C . -20.43 1.53 -16.01
C26 3VV C . -20.79 0.66 -14.83
P38 3VV C . -27.63 -3.91 -14.24
P42 3VV C . -29.06 -6.12 -12.95
P54 3VV C . -34.60 -9.19 -9.40
C01 3VV C . -11.85 2.15 -11.19
C02 3VV C . -11.95 1.82 -12.65
C03 3VV C . -11.91 0.33 -12.95
C04 3VV C . -11.81 0.00 -14.43
C05 3VV C . -11.15 -1.34 -14.72
C06 3VV C . -11.75 -2.08 -15.89
C07 3VV C . -12.38 -3.41 -15.54
C08 3VV C . -13.65 -3.73 -16.31
C09 3VV C . -14.81 -2.87 -15.94
C11 3VV C . -15.44 -0.52 -16.51
C12 3VV C . -15.45 0.29 -17.80
C14 3VV C . -15.34 2.76 -18.40
C16 3VV C . -15.67 5.30 -18.41
C18 3VV C . -16.81 6.72 -16.69
O19 3VV C . -16.82 7.31 -15.63
S20 3VV C . -18.26 6.07 -17.46
N23 3VV C . -19.91 2.74 -15.74
O25 3VV C . -20.61 1.14 -17.17
C27 3VV C . -20.45 -0.78 -15.12
N28 3VV C . -21.56 -1.49 -15.76
C29 3VV C . -22.70 -0.89 -16.07
O30 3VV C . -22.82 -0.11 -17.02
C31 3VV C . -23.90 -1.19 -15.18
O32 3VV C . -23.57 -0.99 -13.81
C33 3VV C . -24.47 -2.62 -15.45
C34 3VV C . -25.52 -2.54 -16.56
C35 3VV C . -23.34 -3.54 -15.90
C36 3VV C . -25.12 -3.19 -14.19
O37 3VV C . -26.11 -4.20 -14.55
O39 3VV C . -28.28 -2.57 -14.23
O40 3VV C . -27.64 -3.99 -15.72
O41 3VV C . -28.53 -5.25 -14.17
O43 3VV C . -28.56 -6.13 -11.55
O44 3VV C . -28.07 -7.15 -13.37
O45 3VV C . -30.44 -6.90 -13.19
C46 3VV C . -31.59 -6.53 -12.39
C47 3VV C . -31.57 -7.33 -11.11
O48 3VV C . -30.63 -6.74 -10.19
C49 3VV C . -31.28 -6.33 -9.01
C50 3VV C . -32.76 -6.21 -9.36
O51 3VV C . -33.58 -6.38 -8.23
C52 3VV C . -32.92 -7.36 -10.37
O53 3VV C . -33.11 -8.64 -9.68
O55 3VV C . -34.45 -10.40 -8.49
O56 3VV C . -35.20 -9.56 -10.74
O57 3VV C . -35.37 -8.07 -8.72
N58 3VV C . -30.69 -5.08 -8.56
C59 3VV C . -29.82 -4.28 -9.28
N60 3VV C . -29.46 -3.22 -8.60
C61 3VV C . -30.11 -3.30 -7.38
C62 3VV C . -30.12 -2.48 -6.25
N63 3VV C . -29.42 -1.34 -6.16
N64 3VV C . -30.88 -2.86 -5.19
C65 3VV C . -31.58 -4.00 -5.27
N66 3VV C . -31.63 -4.84 -6.31
C67 3VV C . -30.87 -4.46 -7.35
C10 3VV D . 15.07 0.85 16.14
C13 3VV D . 17.69 -1.74 14.99
C15 3VV D . 18.54 -4.19 14.80
C17 3VV D . 18.42 -6.69 15.63
C21 3VV D . 15.97 -4.77 18.15
C22 3VV D . 15.59 -4.08 19.46
C24 3VV D . 16.62 -2.37 20.97
C26 3VV D . 15.66 -2.70 22.13
P38 3VV D . 13.51 1.83 29.41
P42 3VV D . 11.62 2.95 31.75
P54 3VV D . 8.31 3.17 37.00
C01 3VV D . 11.78 -1.91 11.73
C02 3VV D . 12.98 -1.09 12.24
C03 3VV D . 12.85 0.41 11.94
C04 3VV D . 13.90 1.25 12.67
C05 3VV D . 13.83 2.75 12.36
C06 3VV D . 14.85 3.61 13.15
C07 3VV D . 14.44 4.03 14.58
C08 3VV D . 15.24 3.39 15.73
C09 3VV D . 14.64 2.12 16.31
C11 3VV D . 16.24 0.36 15.31
C12 3VV D . 17.11 -0.72 16.01
C14 3VV D . 18.43 -2.91 15.66
C16 3VV D . 19.25 -5.38 15.49
C18 3VV D . 17.32 -6.72 16.71
O19 3VV D . 16.31 -7.41 16.56
S20 3VV D . 17.56 -5.64 18.18
N23 3VV D . 16.54 -3.03 19.82
O25 3VV D . 17.44 -1.47 21.13
C27 3VV D . 14.47 -1.73 22.24
N28 3VV D . 14.88 -0.34 22.50
C29 3VV D . 14.82 0.39 23.63
O30 3VV D . 15.36 1.49 23.60
C31 3VV D . 14.10 -0.14 24.91
O32 3VV D . 12.81 -0.58 24.53
C33 3VV D . 13.98 0.83 26.15
C34 3VV D . 15.39 1.24 26.66
C35 3VV D . 13.17 2.09 25.75
C36 3VV D . 13.25 0.09 27.34
O37 3VV D . 12.57 0.90 28.30
O39 3VV D . 13.59 3.25 28.88
O40 3VV D . 14.73 1.02 29.79
O41 3VV D . 12.46 1.84 30.76
O43 3VV D . 12.12 2.78 33.17
O44 3VV D . 11.59 4.29 31.04
O45 3VV D . 10.07 2.22 31.60
C46 3VV D . 9.65 1.37 32.66
C47 3VV D . 8.48 2.04 33.41
O48 3VV D . 7.26 1.76 32.75
C49 3VV D . 6.52 0.76 33.41
C50 3VV D . 7.38 0.25 34.56
O51 3VV D . 6.59 -0.18 35.66
C52 3VV D . 8.26 1.46 34.81
O53 3VV D . 7.56 2.42 35.59
O55 3VV D . 9.34 4.17 36.44
O56 3VV D . 7.16 3.85 37.77
O57 3VV D . 8.97 2.02 37.79
N58 3VV D . 5.98 -0.31 32.47
C59 3VV D . 4.90 -1.09 32.70
N60 3VV D . 4.69 -1.99 31.77
C61 3VV D . 5.69 -1.79 30.90
C62 3VV D . 6.02 -2.46 29.69
N63 3VV D . 5.28 -3.53 29.18
N64 3VV D . 7.12 -2.04 28.99
C65 3VV D . 7.81 -1.02 29.49
N66 3VV D . 7.60 -0.31 30.61
C67 3VV D . 6.51 -0.75 31.29
#